data_4UVI
#
_entry.id   4UVI
#
_cell.length_a   65.144
_cell.length_b   111.656
_cell.length_c   67.723
_cell.angle_alpha   90.00
_cell.angle_beta   98.62
_cell.angle_gamma   90.00
#
_symmetry.space_group_name_H-M   'P 1 21 1'
#
loop_
_entity.id
_entity.type
_entity.pdbx_description
1 polymer 'ENOYL-[ACYL-CARRIER-PROTEIN] REDUCTASE [NADH]'
2 non-polymer NICOTINAMIDE-ADENINE-DINUCLEOTIDE
3 non-polymer 5-{[(4,6-dimethylpyrimidin-2-yl)sulfanyl]methyl}-N-[(2-methylpyridin-4-yl)methyl]-1,2-oxazole-3-carboxamide
4 water water
#
_entity_poly.entity_id   1
_entity_poly.type   'polypeptide(L)'
_entity_poly.pdbx_seq_one_letter_code
;MTGLLDGKRILVSGIITDSSIAFHIARVAQEQGAQLVLTGFDRLRLIQRITDRLPAKAPLLELDVQNEEHLASLAGRVTE
AIGAGNKLDGVVHSIGFMPQTGMGINPFFDAPYADVSKGIHISAYSYASMAKALLPIMNPGGSIVGMDFDPSRAMPAYNW
MTVAKSALESVNRFVAREAGKYGVRSNLVAAGPIRTLAMSAIVGGALGEEAGAQIQLLEEGWDQRAPIGWNMKDATPVAK
TVCALLSDWLPATTGDIIYADGGAHTQLL
;
_entity_poly.pdbx_strand_id   A,B,C,D
#
loop_
_chem_comp.id
_chem_comp.type
_chem_comp.name
_chem_comp.formula
KXU non-polymer 5-{[(4,6-dimethylpyrimidin-2-yl)sulfanyl]methyl}-N-[(2-methylpyridin-4-yl)methyl]-1,2-oxazole-3-carboxamide 'C18 H19 N5 O2 S'
NAD non-polymer NICOTINAMIDE-ADENINE-DINUCLEOTIDE 'C21 H27 N7 O14 P2'
#
# COMPACT_ATOMS: atom_id res chain seq x y z
N THR A 2 -3.59 28.07 27.54
CA THR A 2 -4.39 26.87 27.24
C THR A 2 -3.78 26.08 26.08
N GLY A 3 -3.07 25.03 26.43
CA GLY A 3 -2.37 24.19 25.48
C GLY A 3 -3.08 22.93 25.06
N LEU A 4 -2.63 22.40 23.93
CA LEU A 4 -3.13 21.18 23.32
C LEU A 4 -3.04 19.97 24.25
N LEU A 5 -2.03 19.96 25.13
CA LEU A 5 -1.77 18.83 26.05
C LEU A 5 -1.86 19.24 27.52
N ASP A 6 -2.67 20.28 27.81
CA ASP A 6 -2.86 20.80 29.18
C ASP A 6 -3.24 19.70 30.16
N GLY A 7 -2.44 19.56 31.21
CA GLY A 7 -2.70 18.59 32.27
C GLY A 7 -2.32 17.16 31.96
N LYS A 8 -1.82 16.89 30.74
CA LYS A 8 -1.44 15.52 30.39
C LYS A 8 -0.06 15.15 30.95
N ARG A 9 0.08 13.91 31.46
CA ARG A 9 1.37 13.42 31.96
C ARG A 9 1.95 12.54 30.86
N ILE A 10 3.11 12.94 30.34
CA ILE A 10 3.70 12.25 29.18
C ILE A 10 5.14 11.83 29.39
N LEU A 11 5.46 10.56 29.09
CA LEU A 11 6.81 10.06 29.14
C LEU A 11 7.44 10.23 27.76
N VAL A 12 8.66 10.82 27.72
CA VAL A 12 9.38 11.04 26.46
C VAL A 12 10.77 10.42 26.58
N SER A 13 11.05 9.43 25.74
CA SER A 13 12.34 8.76 25.67
C SER A 13 13.10 9.30 24.46
N GLY A 14 14.40 9.05 24.41
CA GLY A 14 15.22 9.33 23.23
C GLY A 14 15.94 10.65 23.08
N ILE A 15 16.00 11.45 24.16
CA ILE A 15 16.82 12.67 24.10
C ILE A 15 18.28 12.24 24.33
N ILE A 16 19.17 12.64 23.43
CA ILE A 16 20.62 12.48 23.58
C ILE A 16 21.28 13.86 23.35
N THR A 17 20.81 14.64 22.34
CA THR A 17 21.33 15.98 22.06
C THR A 17 20.15 16.93 21.89
N ASP A 18 20.42 18.24 21.74
CA ASP A 18 19.33 19.18 21.50
C ASP A 18 18.89 19.14 20.00
N SER A 19 19.51 18.28 19.19
CA SER A 19 19.10 18.07 17.80
C SER A 19 18.17 16.83 17.75
N SER A 20 18.12 16.02 18.82
CA SER A 20 17.27 14.81 18.87
C SER A 20 15.82 15.18 18.58
N ILE A 21 15.12 14.38 17.75
CA ILE A 21 13.69 14.64 17.54
C ILE A 21 12.95 14.67 18.87
N ALA A 22 13.32 13.76 19.80
CA ALA A 22 12.70 13.74 21.14
C ALA A 22 12.85 15.04 21.92
N PHE A 23 13.96 15.79 21.71
CA PHE A 23 14.17 17.09 22.36
C PHE A 23 13.07 18.04 21.90
N HIS A 24 12.79 18.06 20.59
CA HIS A 24 11.76 18.90 20.00
C HIS A 24 10.37 18.46 20.37
N ILE A 25 10.14 17.12 20.47
CA ILE A 25 8.85 16.62 20.93
C ILE A 25 8.61 17.09 22.38
N ALA A 26 9.63 16.91 23.26
CA ALA A 26 9.53 17.34 24.66
C ALA A 26 9.23 18.85 24.78
N ARG A 27 9.97 19.68 24.01
CA ARG A 27 9.83 21.14 24.01
C ARG A 27 8.41 21.55 23.61
N VAL A 28 7.92 21.03 22.47
CA VAL A 28 6.55 21.35 22.00
C VAL A 28 5.49 20.90 23.02
N ALA A 29 5.63 19.69 23.57
CA ALA A 29 4.68 19.17 24.56
C ALA A 29 4.63 20.07 25.82
N GLN A 30 5.81 20.55 26.28
CA GLN A 30 5.87 21.46 27.45
C GLN A 30 5.23 22.82 27.12
N GLU A 31 5.49 23.34 25.90
CA GLU A 31 4.90 24.60 25.43
C GLU A 31 3.38 24.45 25.41
N GLN A 32 2.89 23.21 25.16
CA GLN A 32 1.45 22.90 25.10
C GLN A 32 0.84 22.43 26.43
N GLY A 33 1.55 22.67 27.54
CA GLY A 33 1.05 22.39 28.88
C GLY A 33 1.23 20.99 29.46
N ALA A 34 1.95 20.10 28.75
CA ALA A 34 2.18 18.74 29.28
C ALA A 34 3.18 18.73 30.42
N GLN A 35 3.01 17.77 31.36
CA GLN A 35 3.92 17.53 32.48
C GLN A 35 4.72 16.30 32.06
N LEU A 36 6.04 16.46 31.85
CA LEU A 36 6.86 15.36 31.34
C LEU A 36 7.63 14.55 32.35
N VAL A 37 7.95 13.31 31.95
CA VAL A 37 8.89 12.40 32.59
C VAL A 37 9.80 12.00 31.43
N LEU A 38 11.11 12.23 31.57
CA LEU A 38 12.06 11.90 30.51
C LEU A 38 12.86 10.65 30.82
N THR A 39 13.23 9.87 29.79
CA THR A 39 14.09 8.71 29.97
C THR A 39 15.30 8.86 29.08
N GLY A 40 16.46 8.50 29.60
CA GLY A 40 17.70 8.59 28.85
C GLY A 40 18.53 7.33 28.93
N PHE A 41 19.42 7.16 27.96
CA PHE A 41 20.29 6.00 27.91
C PHE A 41 21.77 6.36 28.04
N ASP A 42 22.46 5.61 28.92
CA ASP A 42 23.91 5.63 29.16
C ASP A 42 24.50 6.97 29.67
N ARG A 43 24.55 8.01 28.82
CA ARG A 43 25.15 9.32 29.13
C ARG A 43 24.19 10.28 29.83
N LEU A 44 23.70 9.87 31.00
CA LEU A 44 22.70 10.59 31.80
C LEU A 44 23.12 12.01 32.21
N ARG A 45 24.40 12.21 32.59
CA ARG A 45 24.89 13.54 32.98
C ARG A 45 24.83 14.48 31.80
N LEU A 46 25.27 14.00 30.63
CA LEU A 46 25.23 14.73 29.36
C LEU A 46 23.79 15.05 28.99
N ILE A 47 22.87 14.06 29.20
CA ILE A 47 21.44 14.20 28.90
C ILE A 47 20.81 15.27 29.80
N GLN A 48 21.16 15.28 31.09
CA GLN A 48 20.68 16.27 32.07
C GLN A 48 21.03 17.71 31.62
N ARG A 49 22.26 17.91 31.10
CA ARG A 49 22.71 19.21 30.58
C ARG A 49 21.83 19.66 29.40
N ILE A 50 21.43 18.69 28.55
CA ILE A 50 20.56 18.96 27.39
C ILE A 50 19.13 19.28 27.87
N THR A 51 18.58 18.46 28.78
CA THR A 51 17.21 18.62 29.27
C THR A 51 17.07 19.92 30.11
N ASP A 52 18.20 20.50 30.61
CA ASP A 52 18.21 21.81 31.27
C ASP A 52 17.82 22.91 30.25
N ARG A 53 17.99 22.66 28.94
CA ARG A 53 17.67 23.60 27.86
C ARG A 53 16.18 23.59 27.48
N LEU A 54 15.39 22.64 28.02
CA LEU A 54 13.95 22.58 27.78
C LEU A 54 13.23 23.71 28.55
N PRO A 55 12.02 24.17 28.13
CA PRO A 55 11.36 25.27 28.85
C PRO A 55 11.00 25.02 30.32
N ALA A 56 10.78 23.75 30.69
CA ALA A 56 10.45 23.39 32.07
C ALA A 56 11.27 22.23 32.59
N LYS A 57 11.45 22.17 33.91
CA LYS A 57 12.16 21.10 34.59
C LYS A 57 11.34 19.81 34.54
N ALA A 58 11.99 18.67 34.29
CA ALA A 58 11.29 17.38 34.24
C ALA A 58 12.20 16.30 34.80
N PRO A 59 11.66 15.33 35.57
CA PRO A 59 12.53 14.25 36.08
C PRO A 59 13.10 13.42 34.95
N LEU A 60 14.36 12.99 35.12
CA LEU A 60 15.05 12.17 34.14
C LEU A 60 15.31 10.80 34.75
N LEU A 61 14.83 9.73 34.08
CA LEU A 61 15.00 8.34 34.52
C LEU A 61 15.90 7.59 33.57
N GLU A 62 16.73 6.67 34.09
CA GLU A 62 17.60 5.90 33.21
C GLU A 62 16.79 4.75 32.61
N LEU A 63 16.95 4.53 31.29
CA LEU A 63 16.30 3.42 30.60
C LEU A 63 17.09 2.96 29.41
N ASP A 64 17.74 1.80 29.58
CA ASP A 64 18.44 1.08 28.52
C ASP A 64 17.40 0.02 28.15
N VAL A 65 16.84 0.13 26.94
CA VAL A 65 15.78 -0.81 26.51
C VAL A 65 16.26 -2.27 26.37
N GLN A 66 17.60 -2.49 26.32
CA GLN A 66 18.16 -3.84 26.26
C GLN A 66 18.33 -4.44 27.68
N ASN A 67 18.05 -3.63 28.70
CA ASN A 67 18.20 -4.02 30.10
C ASN A 67 16.83 -4.38 30.70
N GLU A 68 16.59 -5.70 30.90
CA GLU A 68 15.35 -6.24 31.44
C GLU A 68 15.03 -5.73 32.85
N GLU A 69 16.06 -5.43 33.67
CA GLU A 69 15.88 -4.89 35.02
C GLU A 69 15.36 -3.45 34.95
N HIS A 70 15.89 -2.63 34.00
CA HIS A 70 15.43 -1.26 33.79
C HIS A 70 13.95 -1.29 33.38
N LEU A 71 13.57 -2.24 32.51
CA LEU A 71 12.18 -2.38 32.06
C LEU A 71 11.24 -2.86 33.17
N ALA A 72 11.71 -3.82 34.01
CA ALA A 72 10.93 -4.37 35.13
C ALA A 72 10.64 -3.31 36.21
N SER A 73 11.55 -2.35 36.41
CA SER A 73 11.42 -1.29 37.41
C SER A 73 10.83 0.01 36.88
N LEU A 74 10.74 0.15 35.55
CA LEU A 74 10.29 1.39 34.91
C LEU A 74 8.97 1.95 35.44
N ALA A 75 7.87 1.16 35.44
CA ALA A 75 6.55 1.62 35.90
C ALA A 75 6.61 2.20 37.34
N GLY A 76 7.28 1.49 38.24
CA GLY A 76 7.45 1.91 39.63
C GLY A 76 8.18 3.23 39.73
N ARG A 77 9.28 3.37 38.94
CA ARG A 77 10.09 4.59 38.93
C ARG A 77 9.32 5.77 38.37
N VAL A 78 8.48 5.54 37.32
CA VAL A 78 7.64 6.59 36.73
C VAL A 78 6.61 7.02 37.76
N THR A 79 5.96 6.03 38.43
CA THR A 79 4.96 6.26 39.47
C THR A 79 5.52 7.16 40.60
N GLU A 80 6.78 6.92 41.00
CA GLU A 80 7.49 7.71 42.03
C GLU A 80 7.68 9.15 41.53
N ALA A 81 8.03 9.31 40.24
CA ALA A 81 8.24 10.62 39.62
C ALA A 81 6.94 11.43 39.46
N ILE A 82 5.81 10.78 39.11
CA ILE A 82 4.55 11.52 38.89
C ILE A 82 3.62 11.52 40.11
N GLY A 83 3.95 10.72 41.12
CA GLY A 83 3.16 10.62 42.34
C GLY A 83 2.19 9.47 42.31
N ALA A 84 2.10 8.73 43.44
CA ALA A 84 1.21 7.58 43.59
C ALA A 84 -0.23 8.00 43.31
N GLY A 85 -0.97 7.17 42.60
CA GLY A 85 -2.36 7.48 42.24
C GLY A 85 -2.49 8.18 40.90
N ASN A 86 -1.36 8.70 40.35
CA ASN A 86 -1.35 9.34 39.02
C ASN A 86 -0.85 8.36 37.98
N LYS A 87 -1.39 8.49 36.77
CA LYS A 87 -1.02 7.65 35.63
C LYS A 87 -0.60 8.52 34.44
N LEU A 88 0.04 7.88 33.45
CA LEU A 88 0.48 8.56 32.23
C LEU A 88 -0.66 8.64 31.24
N ASP A 89 -0.70 9.74 30.48
CA ASP A 89 -1.65 9.93 29.38
C ASP A 89 -0.95 9.69 28.04
N GLY A 90 0.37 9.79 28.02
CA GLY A 90 1.13 9.59 26.80
C GLY A 90 2.50 8.97 27.00
N VAL A 91 2.99 8.31 25.96
CA VAL A 91 4.30 7.67 25.91
C VAL A 91 4.87 7.94 24.53
N VAL A 92 6.11 8.45 24.47
CA VAL A 92 6.82 8.69 23.21
C VAL A 92 8.06 7.81 23.15
N HIS A 93 8.11 6.94 22.13
CA HIS A 93 9.26 6.08 21.85
C HIS A 93 10.00 6.79 20.72
N SER A 94 11.19 7.35 21.01
CA SER A 94 11.97 8.04 19.98
C SER A 94 13.39 7.50 20.07
N ILE A 95 13.48 6.17 19.97
CA ILE A 95 14.69 5.39 20.14
C ILE A 95 15.00 4.63 18.87
N GLY A 96 16.25 4.71 18.44
CA GLY A 96 16.72 4.00 17.27
C GLY A 96 18.21 3.80 17.32
N PHE A 97 18.66 2.67 16.78
CA PHE A 97 20.08 2.37 16.73
C PHE A 97 20.33 1.31 15.72
N MET A 98 21.40 1.50 14.94
CA MET A 98 21.90 0.48 14.03
C MET A 98 23.40 0.66 13.94
N PRO A 99 24.22 -0.38 14.22
CA PRO A 99 25.67 -0.21 14.06
C PRO A 99 26.07 0.19 12.63
N GLN A 100 27.27 0.79 12.46
CA GLN A 100 27.82 1.19 11.17
C GLN A 100 27.90 0.04 10.16
N THR A 101 27.95 -1.22 10.62
CA THR A 101 27.97 -2.37 9.68
C THR A 101 26.58 -2.54 8.98
N GLY A 102 25.53 -2.01 9.59
CA GLY A 102 24.17 -2.19 9.09
C GLY A 102 23.53 -0.99 8.41
N MET A 103 24.19 0.18 8.46
CA MET A 103 23.62 1.41 7.91
C MET A 103 24.82 2.30 7.56
N GLY A 104 24.79 2.91 6.38
CA GLY A 104 25.90 3.76 5.92
C GLY A 104 26.52 3.27 4.63
N ILE A 105 27.86 3.20 4.59
CA ILE A 105 28.62 2.79 3.41
C ILE A 105 28.80 1.28 3.26
N ASN A 106 28.68 0.56 4.38
CA ASN A 106 28.93 -0.88 4.39
C ASN A 106 27.95 -1.63 3.49
N PRO A 107 28.43 -2.58 2.64
CA PRO A 107 27.49 -3.33 1.80
C PRO A 107 26.42 -4.03 2.62
N PHE A 108 25.19 -4.04 2.08
CA PHE A 108 24.04 -4.67 2.74
C PHE A 108 24.37 -6.09 3.22
N PHE A 109 25.06 -6.87 2.38
CA PHE A 109 25.41 -8.25 2.70
C PHE A 109 26.50 -8.43 3.76
N ASP A 110 27.22 -7.34 4.12
CA ASP A 110 28.33 -7.48 5.07
C ASP A 110 27.96 -7.14 6.52
N ALA A 111 26.68 -7.00 6.81
CA ALA A 111 26.25 -6.71 8.17
C ALA A 111 26.10 -8.04 8.93
N PRO A 112 26.92 -8.31 9.99
CA PRO A 112 26.74 -9.56 10.73
C PRO A 112 25.43 -9.56 11.53
N TYR A 113 24.83 -10.74 11.73
CA TYR A 113 23.56 -10.79 12.45
C TYR A 113 23.60 -10.23 13.87
N ALA A 114 24.72 -10.38 14.61
CA ALA A 114 24.78 -9.80 15.97
C ALA A 114 24.50 -8.29 15.95
N ASP A 115 25.01 -7.58 14.93
CA ASP A 115 24.83 -6.13 14.77
C ASP A 115 23.40 -5.82 14.37
N VAL A 116 22.86 -6.56 13.37
CA VAL A 116 21.47 -6.39 12.92
C VAL A 116 20.49 -6.65 14.09
N SER A 117 20.70 -7.74 14.83
CA SER A 117 19.84 -8.12 15.97
C SER A 117 19.86 -7.03 17.03
N LYS A 118 21.04 -6.46 17.32
CA LYS A 118 21.11 -5.37 18.32
C LYS A 118 20.24 -4.19 17.84
N GLY A 119 20.38 -3.85 16.57
CA GLY A 119 19.65 -2.74 15.92
C GLY A 119 18.16 -2.98 15.96
N ILE A 120 17.71 -4.22 15.68
CA ILE A 120 16.29 -4.60 15.72
C ILE A 120 15.76 -4.60 17.16
N HIS A 121 16.56 -5.07 18.12
CA HIS A 121 16.16 -5.05 19.53
C HIS A 121 15.80 -3.62 19.96
N ILE A 122 16.72 -2.66 19.73
CA ILE A 122 16.57 -1.27 20.14
C ILE A 122 15.52 -0.54 19.31
N SER A 123 15.52 -0.73 17.99
CA SER A 123 14.66 0.05 17.10
C SER A 123 13.22 -0.48 16.90
N ALA A 124 12.99 -1.79 17.09
CA ALA A 124 11.66 -2.37 16.86
C ALA A 124 11.09 -3.11 18.06
N TYR A 125 11.80 -4.12 18.56
CA TYR A 125 11.30 -4.91 19.70
C TYR A 125 11.02 -4.03 20.92
N SER A 126 11.89 -3.01 21.19
CA SER A 126 11.70 -2.16 22.38
C SER A 126 10.42 -1.36 22.36
N TYR A 127 9.80 -1.17 21.17
CA TYR A 127 8.49 -0.48 21.13
C TYR A 127 7.48 -1.35 21.87
N ALA A 128 7.56 -2.67 21.69
CA ALA A 128 6.70 -3.60 22.42
C ALA A 128 7.09 -3.65 23.93
N SER A 129 8.40 -3.65 24.26
CA SER A 129 8.87 -3.69 25.67
C SER A 129 8.35 -2.49 26.45
N MET A 130 8.43 -1.29 25.83
CA MET A 130 7.99 -0.05 26.48
C MET A 130 6.50 -0.07 26.73
N ALA A 131 5.71 -0.52 25.73
CA ALA A 131 4.26 -0.64 25.87
C ALA A 131 3.89 -1.64 26.96
N LYS A 132 4.61 -2.78 27.04
CA LYS A 132 4.34 -3.80 28.06
C LYS A 132 4.56 -3.22 29.46
N ALA A 133 5.67 -2.48 29.64
CA ALA A 133 6.03 -1.87 30.93
C ALA A 133 5.09 -0.75 31.35
N LEU A 134 4.64 0.07 30.38
CA LEU A 134 3.89 1.29 30.69
C LEU A 134 2.36 1.20 30.56
N LEU A 135 1.78 0.28 29.76
CA LEU A 135 0.32 0.18 29.66
C LEU A 135 -0.36 0.02 31.04
N PRO A 136 0.20 -0.77 32.01
CA PRO A 136 -0.45 -0.88 33.33
C PRO A 136 -0.53 0.45 34.10
N ILE A 137 0.22 1.49 33.68
CA ILE A 137 0.17 2.80 34.35
C ILE A 137 -0.30 3.90 33.39
N MET A 138 -1.14 3.53 32.39
CA MET A 138 -1.69 4.50 31.44
C MET A 138 -3.19 4.66 31.62
N ASN A 139 -3.67 5.90 31.51
CA ASN A 139 -5.10 6.19 31.62
C ASN A 139 -5.85 5.86 30.35
N PRO A 140 -7.17 5.54 30.43
CA PRO A 140 -7.96 5.37 29.20
C PRO A 140 -7.92 6.68 28.41
N GLY A 141 -7.94 6.57 27.09
CA GLY A 141 -7.85 7.73 26.21
C GLY A 141 -6.40 8.12 25.95
N GLY A 142 -5.48 7.36 26.53
CA GLY A 142 -4.03 7.56 26.43
C GLY A 142 -3.49 7.29 25.03
N SER A 143 -2.21 7.62 24.81
CA SER A 143 -1.60 7.52 23.49
C SER A 143 -0.12 7.15 23.55
N ILE A 144 0.27 6.13 22.77
CA ILE A 144 1.66 5.70 22.62
C ILE A 144 2.06 6.07 21.19
N VAL A 145 3.18 6.78 21.04
CA VAL A 145 3.66 7.22 19.71
C VAL A 145 5.12 6.82 19.55
N GLY A 146 5.45 6.24 18.40
CA GLY A 146 6.81 5.88 18.05
C GLY A 146 7.24 6.57 16.79
N MET A 147 8.56 6.63 16.54
CA MET A 147 9.09 7.29 15.35
C MET A 147 9.47 6.30 14.27
N ASP A 148 9.07 6.60 13.03
CA ASP A 148 9.28 5.75 11.88
C ASP A 148 9.94 6.50 10.75
N PHE A 149 10.53 5.75 9.82
CA PHE A 149 11.06 6.31 8.58
C PHE A 149 10.49 5.34 7.55
N ASP A 150 9.66 5.84 6.61
CA ASP A 150 8.98 5.03 5.61
C ASP A 150 9.86 3.96 4.95
N PRO A 151 9.64 2.68 5.30
CA PRO A 151 10.45 1.59 4.72
C PRO A 151 9.74 0.77 3.61
N SER A 152 8.63 1.31 3.02
N SER A 152 8.62 1.31 3.04
CA SER A 152 7.84 0.63 2.00
CA SER A 152 7.83 0.63 1.99
C SER A 152 8.68 0.30 0.77
C SER A 152 8.66 0.32 0.76
N ARG A 153 9.70 1.14 0.48
CA ARG A 153 10.59 0.97 -0.67
C ARG A 153 12.06 1.01 -0.18
N ALA A 154 12.93 0.21 -0.80
CA ALA A 154 14.34 0.20 -0.42
C ALA A 154 15.02 1.49 -0.91
N MET A 155 16.15 1.82 -0.29
CA MET A 155 16.87 3.04 -0.64
C MET A 155 18.36 2.84 -0.31
N PRO A 156 19.27 3.63 -0.90
CA PRO A 156 20.70 3.43 -0.56
C PRO A 156 20.99 3.78 0.89
N ALA A 157 22.07 3.18 1.44
CA ALA A 157 22.65 3.40 2.76
C ALA A 157 21.81 2.99 3.97
N TYR A 158 20.48 3.28 4.00
CA TYR A 158 19.66 2.99 5.18
C TYR A 158 19.60 1.51 5.51
N ASN A 159 19.73 0.66 4.49
CA ASN A 159 19.91 -0.80 4.62
C ASN A 159 19.15 -1.45 5.76
N TRP A 160 19.85 -1.99 6.80
CA TRP A 160 19.21 -2.72 7.88
C TRP A 160 18.38 -1.84 8.81
N MET A 161 18.61 -0.50 8.83
CA MET A 161 17.73 0.37 9.61
C MET A 161 16.33 0.36 8.93
N THR A 162 16.28 0.34 7.59
CA THR A 162 15.03 0.25 6.85
C THR A 162 14.30 -1.05 7.23
N VAL A 163 15.06 -2.18 7.30
CA VAL A 163 14.51 -3.48 7.69
C VAL A 163 13.95 -3.38 9.11
N ALA A 164 14.69 -2.72 10.05
CA ALA A 164 14.22 -2.53 11.42
C ALA A 164 12.93 -1.71 11.46
N LYS A 165 12.80 -0.69 10.58
CA LYS A 165 11.55 0.11 10.54
C LYS A 165 10.36 -0.72 10.01
N SER A 166 10.58 -1.60 9.03
CA SER A 166 9.52 -2.50 8.52
C SER A 166 9.03 -3.35 9.66
N ALA A 167 9.97 -3.89 10.49
CA ALA A 167 9.62 -4.67 11.68
C ALA A 167 8.83 -3.80 12.66
N LEU A 168 9.31 -2.54 12.92
CA LEU A 168 8.63 -1.61 13.84
C LEU A 168 7.16 -1.36 13.45
N GLU A 169 6.91 -1.13 12.15
CA GLU A 169 5.53 -0.89 11.68
C GLU A 169 4.63 -2.09 12.02
N SER A 170 5.17 -3.32 11.87
CA SER A 170 4.42 -4.53 12.20
C SER A 170 4.20 -4.61 13.72
N VAL A 171 5.26 -4.33 14.53
CA VAL A 171 5.15 -4.31 15.99
C VAL A 171 4.07 -3.34 16.43
N ASN A 172 4.00 -2.15 15.82
CA ASN A 172 3.00 -1.15 16.17
C ASN A 172 1.57 -1.70 16.03
N ARG A 173 1.30 -2.46 14.96
CA ARG A 173 -0.02 -3.03 14.75
C ARG A 173 -0.40 -4.01 15.86
N PHE A 174 0.58 -4.78 16.36
CA PHE A 174 0.33 -5.72 17.47
C PHE A 174 0.21 -5.01 18.80
N VAL A 175 1.04 -3.98 19.00
CA VAL A 175 0.95 -3.17 20.23
C VAL A 175 -0.47 -2.52 20.31
N ALA A 176 -1.00 -2.05 19.15
CA ALA A 176 -2.34 -1.45 19.15
C ALA A 176 -3.42 -2.43 19.69
N ARG A 177 -3.29 -3.74 19.36
CA ARG A 177 -4.23 -4.76 19.86
C ARG A 177 -4.19 -4.80 21.39
N GLU A 178 -2.99 -4.82 21.97
CA GLU A 178 -2.84 -4.85 23.43
C GLU A 178 -3.28 -3.53 24.06
N ALA A 179 -2.82 -2.39 23.50
CA ALA A 179 -3.15 -1.08 24.03
C ALA A 179 -4.66 -0.80 24.05
N GLY A 180 -5.37 -1.34 23.07
CA GLY A 180 -6.83 -1.19 22.94
C GLY A 180 -7.58 -1.69 24.17
N LYS A 181 -7.05 -2.75 24.82
CA LYS A 181 -7.64 -3.33 26.06
C LYS A 181 -7.63 -2.32 27.22
N TYR A 182 -6.72 -1.32 27.17
CA TYR A 182 -6.57 -0.25 28.18
C TYR A 182 -7.24 1.06 27.72
N GLY A 183 -7.85 1.03 26.52
CA GLY A 183 -8.45 2.22 25.91
C GLY A 183 -7.37 3.19 25.45
N VAL A 184 -6.20 2.65 25.06
CA VAL A 184 -5.01 3.41 24.66
C VAL A 184 -4.73 3.18 23.17
N ARG A 185 -4.35 4.26 22.47
CA ARG A 185 -4.00 4.19 21.04
C ARG A 185 -2.49 4.00 20.90
N SER A 186 -2.06 3.40 19.77
CA SER A 186 -0.63 3.20 19.46
C SER A 186 -0.45 3.58 17.99
N ASN A 187 0.46 4.52 17.71
CA ASN A 187 0.69 4.95 16.31
C ASN A 187 2.13 5.33 16.08
N LEU A 188 2.55 5.37 14.81
CA LEU A 188 3.91 5.83 14.49
C LEU A 188 3.81 7.11 13.68
N VAL A 189 4.81 8.01 13.82
CA VAL A 189 4.93 9.17 12.96
C VAL A 189 6.10 8.86 12.03
N ALA A 190 5.83 8.79 10.71
CA ALA A 190 6.88 8.56 9.73
C ALA A 190 7.39 9.94 9.28
N ALA A 191 8.59 10.29 9.73
CA ALA A 191 9.18 11.58 9.40
C ALA A 191 10.02 11.55 8.14
N GLY A 192 10.15 12.70 7.48
CA GLY A 192 11.14 12.86 6.41
C GLY A 192 12.52 12.97 7.07
N PRO A 193 13.63 13.02 6.29
CA PRO A 193 14.97 13.08 6.93
C PRO A 193 15.21 14.37 7.71
N ILE A 194 15.81 14.23 8.89
CA ILE A 194 16.10 15.36 9.76
C ILE A 194 17.61 15.37 10.06
N ARG A 195 18.24 16.55 9.90
CA ARG A 195 19.64 16.72 10.22
C ARG A 195 19.86 16.82 11.74
N THR A 196 19.95 15.65 12.35
CA THR A 196 20.29 15.53 13.76
C THR A 196 21.85 15.51 13.78
N LEU A 197 22.49 15.30 14.94
CA LEU A 197 23.95 15.32 15.03
C LEU A 197 24.67 14.37 14.08
N GLY A 205 31.05 15.30 4.68
CA GLY A 205 32.12 14.55 4.06
C GLY A 205 32.53 13.27 4.76
N ALA A 206 31.98 13.02 5.97
CA ALA A 206 32.28 11.84 6.78
C ALA A 206 32.07 10.50 6.05
N LEU A 207 31.06 10.42 5.15
CA LEU A 207 30.75 9.20 4.38
C LEU A 207 31.60 8.99 3.11
N GLY A 208 32.34 10.03 2.71
CA GLY A 208 33.16 10.02 1.51
C GLY A 208 32.45 10.67 0.34
N GLU A 209 33.08 10.68 -0.84
CA GLU A 209 32.51 11.29 -2.04
C GLU A 209 31.29 10.54 -2.61
N GLU A 210 31.46 9.24 -2.93
CA GLU A 210 30.43 8.39 -3.55
C GLU A 210 29.14 8.30 -2.73
N ALA A 211 29.25 7.76 -1.50
CA ALA A 211 28.12 7.63 -0.58
C ALA A 211 27.52 8.97 -0.20
N GLY A 212 28.36 9.98 0.04
CA GLY A 212 27.94 11.34 0.37
C GLY A 212 27.04 11.95 -0.68
N ALA A 213 27.34 11.71 -1.98
CA ALA A 213 26.54 12.22 -3.09
C ALA A 213 25.21 11.48 -3.22
N GLN A 214 25.23 10.13 -3.03
CA GLN A 214 24.00 9.34 -3.13
C GLN A 214 23.01 9.70 -2.01
N ILE A 215 23.54 9.88 -0.78
CA ILE A 215 22.73 10.25 0.37
C ILE A 215 22.16 11.67 0.20
N GLN A 216 22.97 12.61 -0.31
CA GLN A 216 22.52 13.99 -0.55
C GLN A 216 21.38 14.04 -1.60
N LEU A 217 21.51 13.25 -2.69
CA LEU A 217 20.47 13.17 -3.73
C LEU A 217 19.18 12.60 -3.14
N LEU A 218 19.30 11.56 -2.29
CA LEU A 218 18.18 10.90 -1.63
C LEU A 218 17.50 11.91 -0.74
N GLU A 219 18.28 12.56 0.13
CA GLU A 219 17.77 13.56 1.05
C GLU A 219 17.11 14.76 0.37
N GLU A 220 17.71 15.33 -0.71
CA GLU A 220 17.19 16.48 -1.51
C GLU A 220 15.91 16.17 -2.33
N GLY A 221 15.75 14.90 -2.69
CA GLY A 221 14.57 14.43 -3.43
C GLY A 221 13.32 14.64 -2.60
N TRP A 222 13.44 14.63 -1.25
CA TRP A 222 12.31 14.86 -0.36
C TRP A 222 11.71 16.22 -0.55
N ASP A 223 12.55 17.30 -0.52
CA ASP A 223 12.06 18.65 -0.70
C ASP A 223 11.46 18.80 -2.09
N GLN A 224 12.04 18.13 -3.11
CA GLN A 224 11.51 18.21 -4.47
C GLN A 224 10.13 17.51 -4.57
N ARG A 225 10.00 16.30 -3.99
CA ARG A 225 8.75 15.51 -4.07
C ARG A 225 7.62 16.10 -3.23
N ALA A 226 7.98 16.66 -2.07
CA ALA A 226 7.03 17.20 -1.10
C ALA A 226 6.23 18.38 -1.70
N PRO A 227 4.90 18.26 -1.89
CA PRO A 227 4.14 19.40 -2.46
C PRO A 227 4.28 20.69 -1.66
N ILE A 228 4.52 20.59 -0.34
CA ILE A 228 4.68 21.75 0.57
C ILE A 228 6.14 21.95 1.01
N GLY A 229 7.05 21.23 0.34
CA GLY A 229 8.47 21.28 0.63
C GLY A 229 8.84 20.53 1.89
N TRP A 230 10.14 20.40 2.12
CA TRP A 230 10.62 19.70 3.31
C TRP A 230 11.90 20.37 3.80
N ASN A 231 11.87 20.78 5.07
CA ASN A 231 13.03 21.43 5.68
C ASN A 231 13.73 20.45 6.58
N MET A 232 14.82 19.88 6.05
CA MET A 232 15.66 18.89 6.74
C MET A 232 16.29 19.38 8.05
N LYS A 233 16.43 20.70 8.22
CA LYS A 233 17.04 21.23 9.45
C LYS A 233 16.06 21.31 10.62
N ASP A 234 14.76 21.27 10.33
CA ASP A 234 13.68 21.61 11.25
C ASP A 234 12.83 20.43 11.72
N ALA A 235 13.00 20.04 12.98
CA ALA A 235 12.22 18.95 13.58
C ALA A 235 10.83 19.37 14.10
N THR A 236 10.56 20.69 14.20
CA THR A 236 9.30 21.19 14.77
C THR A 236 8.04 20.60 14.06
N PRO A 237 7.91 20.54 12.71
CA PRO A 237 6.68 19.97 12.12
C PRO A 237 6.45 18.50 12.56
N VAL A 238 7.55 17.76 12.76
CA VAL A 238 7.50 16.36 13.23
C VAL A 238 7.04 16.33 14.70
N ALA A 239 7.62 17.19 15.55
CA ALA A 239 7.24 17.31 16.96
C ALA A 239 5.77 17.68 17.10
N LYS A 240 5.26 18.61 16.26
CA LYS A 240 3.85 19.01 16.28
C LYS A 240 2.94 17.83 15.95
N THR A 241 3.32 17.01 14.93
CA THR A 241 2.56 15.84 14.52
C THR A 241 2.46 14.80 15.67
N VAL A 242 3.57 14.55 16.36
CA VAL A 242 3.59 13.67 17.52
C VAL A 242 2.61 14.20 18.57
N CYS A 243 2.67 15.50 18.86
CA CYS A 243 1.77 16.10 19.84
C CYS A 243 0.30 16.00 19.41
N ALA A 244 -0.01 16.10 18.10
CA ALA A 244 -1.38 15.90 17.61
C ALA A 244 -1.86 14.49 18.00
N LEU A 245 -0.99 13.46 17.85
CA LEU A 245 -1.35 12.09 18.21
C LEU A 245 -1.47 11.89 19.72
N LEU A 246 -0.71 12.66 20.50
CA LEU A 246 -0.78 12.59 21.97
C LEU A 246 -2.04 13.29 22.48
N SER A 247 -2.63 14.16 21.66
CA SER A 247 -3.83 14.92 22.04
C SER A 247 -5.11 14.09 21.94
N ASP A 248 -6.26 14.71 22.26
CA ASP A 248 -7.56 14.05 22.15
C ASP A 248 -8.18 14.25 20.75
N TRP A 249 -7.42 14.83 19.78
CA TRP A 249 -7.94 15.22 18.47
C TRP A 249 -7.82 14.14 17.36
N LEU A 250 -7.20 12.97 17.64
CA LEU A 250 -7.18 11.84 16.68
C LEU A 250 -7.64 10.60 17.50
N PRO A 251 -8.90 10.64 18.02
CA PRO A 251 -9.34 9.59 18.96
C PRO A 251 -9.71 8.26 18.35
N ALA A 252 -9.77 8.19 17.02
CA ALA A 252 -10.20 6.96 16.35
C ALA A 252 -9.09 6.38 15.45
N THR A 253 -7.84 6.79 15.70
CA THR A 253 -6.71 6.32 14.92
C THR A 253 -5.81 5.47 15.81
N THR A 254 -5.56 4.22 15.39
CA THR A 254 -4.67 3.32 16.14
C THR A 254 -4.10 2.25 15.21
N GLY A 255 -2.95 1.71 15.60
CA GLY A 255 -2.18 0.73 14.84
C GLY A 255 -1.69 1.31 13.53
N ASP A 256 -1.69 2.64 13.45
CA ASP A 256 -1.51 3.37 12.20
C ASP A 256 -0.22 4.18 12.10
N ILE A 257 0.00 4.79 10.92
CA ILE A 257 1.19 5.59 10.62
C ILE A 257 0.73 6.94 10.05
N ILE A 258 1.16 8.03 10.68
CA ILE A 258 0.88 9.40 10.19
C ILE A 258 2.20 9.88 9.58
N TYR A 259 2.16 10.39 8.34
CA TYR A 259 3.35 10.81 7.65
C TYR A 259 3.59 12.31 7.81
N ALA A 260 4.68 12.66 8.48
CA ALA A 260 5.08 14.06 8.65
C ALA A 260 6.33 14.21 7.78
N ASP A 261 6.09 14.20 6.46
CA ASP A 261 7.18 14.16 5.48
C ASP A 261 7.04 15.16 4.34
N GLY A 262 6.18 16.18 4.53
CA GLY A 262 5.87 17.17 3.49
C GLY A 262 5.00 16.62 2.36
N GLY A 263 4.52 15.40 2.52
CA GLY A 263 3.73 14.68 1.53
C GLY A 263 4.61 14.01 0.47
N ALA A 264 5.93 13.93 0.72
CA ALA A 264 6.85 13.34 -0.26
C ALA A 264 6.47 11.92 -0.67
N HIS A 265 6.06 11.07 0.30
CA HIS A 265 5.74 9.66 0.01
C HIS A 265 4.50 9.49 -0.91
N THR A 266 3.74 10.58 -1.18
CA THR A 266 2.54 10.52 -2.01
C THR A 266 2.84 10.90 -3.47
N GLN A 267 4.11 11.25 -3.77
CA GLN A 267 4.48 11.73 -5.10
C GLN A 267 5.63 10.92 -5.67
N LEU A 268 5.57 10.63 -6.97
CA LEU A 268 6.66 9.87 -7.59
C LEU A 268 7.80 10.79 -8.00
N LEU A 269 7.44 11.97 -8.52
CA LEU A 269 8.37 13.00 -8.99
C LEU A 269 7.76 14.37 -8.71
N THR B 2 4.66 -27.14 -28.37
CA THR B 2 4.64 -27.29 -26.91
C THR B 2 4.89 -25.92 -26.23
N GLY B 3 3.92 -25.04 -26.38
CA GLY B 3 3.96 -23.69 -25.83
C GLY B 3 3.22 -23.55 -24.52
N LEU B 4 3.47 -22.42 -23.86
CA LEU B 4 2.87 -22.04 -22.57
C LEU B 4 1.33 -21.96 -22.62
N LEU B 5 0.78 -21.58 -23.78
CA LEU B 5 -0.65 -21.37 -23.96
C LEU B 5 -1.25 -22.30 -25.03
N ASP B 6 -0.64 -23.49 -25.22
CA ASP B 6 -1.08 -24.49 -26.21
C ASP B 6 -2.56 -24.82 -26.05
N GLY B 7 -3.30 -24.67 -27.14
CA GLY B 7 -4.73 -24.98 -27.19
C GLY B 7 -5.65 -23.98 -26.53
N LYS B 8 -5.10 -22.89 -25.96
CA LYS B 8 -5.94 -21.88 -25.31
C LYS B 8 -6.55 -20.93 -26.33
N ARG B 9 -7.82 -20.57 -26.15
CA ARG B 9 -8.52 -19.62 -27.02
C ARG B 9 -8.54 -18.30 -26.28
N ILE B 10 -7.88 -17.28 -26.82
CA ILE B 10 -7.72 -16.00 -26.12
C ILE B 10 -8.14 -14.80 -26.94
N LEU B 11 -8.96 -13.92 -26.34
CA LEU B 11 -9.38 -12.67 -26.97
C LEU B 11 -8.37 -11.59 -26.58
N VAL B 12 -7.84 -10.85 -27.57
CA VAL B 12 -6.89 -9.76 -27.32
C VAL B 12 -7.43 -8.47 -27.95
N SER B 13 -7.71 -7.47 -27.09
CA SER B 13 -8.18 -6.16 -27.52
C SER B 13 -7.00 -5.18 -27.49
N GLY B 14 -7.15 -4.02 -28.13
CA GLY B 14 -6.19 -2.93 -27.99
C GLY B 14 -5.04 -2.78 -28.96
N ILE B 15 -5.05 -3.54 -30.08
CA ILE B 15 -4.01 -3.34 -31.11
C ILE B 15 -4.44 -2.12 -31.93
N ILE B 16 -3.52 -1.16 -32.09
CA ILE B 16 -3.69 -0.01 -32.99
C ILE B 16 -2.44 0.09 -33.89
N THR B 17 -1.21 -0.11 -33.33
CA THR B 17 0.03 -0.09 -34.11
C THR B 17 0.85 -1.32 -33.74
N ASP B 18 1.99 -1.55 -34.44
CA ASP B 18 2.85 -2.69 -34.06
C ASP B 18 3.71 -2.34 -32.82
N SER B 19 3.55 -1.12 -32.26
CA SER B 19 4.21 -0.70 -31.01
C SER B 19 3.24 -0.91 -29.83
N SER B 20 1.95 -1.16 -30.12
CA SER B 20 0.91 -1.38 -29.08
C SER B 20 1.35 -2.53 -28.18
N ILE B 21 1.14 -2.36 -26.84
CA ILE B 21 1.45 -3.48 -25.94
C ILE B 21 0.66 -4.73 -26.39
N ALA B 22 -0.62 -4.56 -26.79
CA ALA B 22 -1.47 -5.65 -27.26
C ALA B 22 -0.89 -6.40 -28.47
N PHE B 23 -0.15 -5.68 -29.36
CA PHE B 23 0.47 -6.34 -30.52
C PHE B 23 1.50 -7.35 -30.00
N HIS B 24 2.36 -6.93 -29.06
CA HIS B 24 3.38 -7.80 -28.47
C HIS B 24 2.72 -8.93 -27.66
N ILE B 25 1.63 -8.64 -26.93
CA ILE B 25 0.92 -9.71 -26.19
C ILE B 25 0.43 -10.76 -27.17
N ALA B 26 -0.21 -10.32 -28.26
CA ALA B 26 -0.74 -11.19 -29.30
C ALA B 26 0.36 -12.05 -29.94
N ARG B 27 1.50 -11.43 -30.27
CA ARG B 27 2.64 -12.12 -30.89
C ARG B 27 3.18 -13.22 -29.96
N VAL B 28 3.46 -12.88 -28.70
CA VAL B 28 3.99 -13.85 -27.73
C VAL B 28 2.99 -15.01 -27.50
N ALA B 29 1.69 -14.69 -27.37
CA ALA B 29 0.65 -15.69 -27.15
C ALA B 29 0.58 -16.67 -28.34
N GLN B 30 0.70 -16.15 -29.58
CA GLN B 30 0.69 -17.01 -30.77
C GLN B 30 1.94 -17.90 -30.84
N GLU B 31 3.11 -17.33 -30.50
CA GLU B 31 4.39 -18.06 -30.44
C GLU B 31 4.25 -19.19 -29.43
N GLN B 32 3.43 -18.97 -28.37
CA GLN B 32 3.21 -19.95 -27.30
C GLN B 32 1.98 -20.88 -27.53
N GLY B 33 1.49 -20.94 -28.76
CA GLY B 33 0.43 -21.87 -29.15
C GLY B 33 -1.01 -21.45 -28.97
N ALA B 34 -1.28 -20.18 -28.54
CA ALA B 34 -2.64 -19.70 -28.36
C ALA B 34 -3.34 -19.43 -29.69
N GLN B 35 -4.66 -19.68 -29.72
CA GLN B 35 -5.55 -19.42 -30.86
C GLN B 35 -6.26 -18.13 -30.50
N LEU B 36 -6.00 -17.04 -31.26
CA LEU B 36 -6.54 -15.74 -30.91
C LEU B 36 -7.79 -15.28 -31.64
N VAL B 37 -8.53 -14.38 -30.99
CA VAL B 37 -9.62 -13.58 -31.53
C VAL B 37 -9.20 -12.15 -31.16
N LEU B 38 -9.09 -11.27 -32.15
CA LEU B 38 -8.68 -9.89 -31.92
C LEU B 38 -9.82 -8.91 -32.01
N THR B 39 -9.78 -7.83 -31.20
CA THR B 39 -10.80 -6.78 -31.30
C THR B 39 -10.12 -5.46 -31.55
N GLY B 40 -10.72 -4.65 -32.42
CA GLY B 40 -10.17 -3.36 -32.76
C GLY B 40 -11.19 -2.25 -32.68
N PHE B 41 -10.71 -1.01 -32.52
CA PHE B 41 -11.59 0.13 -32.42
C PHE B 41 -11.36 1.14 -33.56
N ASP B 42 -12.49 1.56 -34.17
CA ASP B 42 -12.60 2.61 -35.19
C ASP B 42 -11.85 2.36 -36.51
N ARG B 43 -10.49 2.33 -36.48
CA ARG B 43 -9.63 2.21 -37.67
C ARG B 43 -9.37 0.75 -38.08
N LEU B 44 -10.44 0.02 -38.38
CA LEU B 44 -10.43 -1.42 -38.67
C LEU B 44 -9.61 -1.83 -39.88
N ARG B 45 -9.64 -1.05 -40.98
CA ARG B 45 -8.82 -1.40 -42.14
C ARG B 45 -7.34 -1.28 -41.82
N LEU B 46 -6.99 -0.22 -41.09
CA LEU B 46 -5.62 0.06 -40.64
C LEU B 46 -5.15 -1.07 -39.68
N ILE B 47 -6.02 -1.46 -38.72
CA ILE B 47 -5.72 -2.53 -37.75
C ILE B 47 -5.51 -3.87 -38.47
N GLN B 48 -6.33 -4.17 -39.50
CA GLN B 48 -6.17 -5.41 -40.28
C GLN B 48 -4.78 -5.48 -40.94
N ARG B 49 -4.27 -4.36 -41.46
CA ARG B 49 -2.93 -4.30 -42.06
C ARG B 49 -1.84 -4.61 -41.00
N ILE B 50 -2.03 -4.10 -39.75
CA ILE B 50 -1.09 -4.34 -38.66
C ILE B 50 -1.13 -5.79 -38.21
N THR B 51 -2.36 -6.34 -37.96
CA THR B 51 -2.55 -7.72 -37.49
C THR B 51 -2.09 -8.74 -38.52
N ASP B 52 -1.93 -8.32 -39.79
CA ASP B 52 -1.35 -9.19 -40.83
C ASP B 52 0.14 -9.47 -40.52
N ARG B 53 0.79 -8.60 -39.71
CA ARG B 53 2.21 -8.72 -39.32
C ARG B 53 2.44 -9.73 -38.17
N LEU B 54 1.35 -10.26 -37.56
CA LEU B 54 1.44 -11.25 -36.49
C LEU B 54 1.82 -12.62 -37.08
N PRO B 55 2.43 -13.55 -36.29
CA PRO B 55 2.84 -14.85 -36.87
C PRO B 55 1.73 -15.74 -37.42
N ALA B 56 0.51 -15.60 -36.90
CA ALA B 56 -0.63 -16.40 -37.36
C ALA B 56 -1.85 -15.53 -37.62
N LYS B 57 -2.70 -16.01 -38.55
CA LYS B 57 -3.94 -15.33 -38.91
C LYS B 57 -4.93 -15.45 -37.75
N ALA B 58 -5.66 -14.39 -37.47
CA ALA B 58 -6.66 -14.39 -36.41
C ALA B 58 -7.85 -13.53 -36.81
N PRO B 59 -9.10 -13.94 -36.50
CA PRO B 59 -10.25 -13.08 -36.82
C PRO B 59 -10.19 -11.75 -36.08
N LEU B 60 -10.59 -10.66 -36.76
CA LEU B 60 -10.64 -9.33 -36.18
C LEU B 60 -12.10 -8.89 -36.06
N LEU B 61 -12.52 -8.54 -34.84
CA LEU B 61 -13.88 -8.11 -34.55
C LEU B 61 -13.88 -6.66 -34.11
N GLU B 62 -14.90 -5.88 -34.51
CA GLU B 62 -14.97 -4.48 -34.09
C GLU B 62 -15.53 -4.41 -32.67
N LEU B 63 -14.90 -3.58 -31.84
CA LEU B 63 -15.36 -3.32 -30.48
C LEU B 63 -14.99 -1.92 -29.99
N ASP B 64 -15.99 -1.06 -29.91
CA ASP B 64 -15.92 0.26 -29.32
C ASP B 64 -16.53 0.03 -27.95
N VAL B 65 -15.72 0.11 -26.88
CA VAL B 65 -16.23 -0.16 -25.53
C VAL B 65 -17.30 0.84 -25.04
N GLN B 66 -17.43 2.01 -25.72
CA GLN B 66 -18.45 2.99 -25.36
C GLN B 66 -19.78 2.69 -26.10
N ASN B 67 -19.77 1.67 -26.97
CA ASN B 67 -20.92 1.27 -27.77
C ASN B 67 -21.59 0.04 -27.17
N GLU B 68 -22.81 0.28 -26.62
CA GLU B 68 -23.64 -0.72 -25.96
C GLU B 68 -24.01 -1.87 -26.84
N GLU B 69 -24.28 -1.56 -28.11
CA GLU B 69 -24.66 -2.54 -29.11
C GLU B 69 -23.49 -3.48 -29.42
N HIS B 70 -22.24 -2.93 -29.50
CA HIS B 70 -21.03 -3.72 -29.74
C HIS B 70 -20.83 -4.68 -28.57
N LEU B 71 -21.07 -4.21 -27.33
CA LEU B 71 -20.94 -5.04 -26.13
C LEU B 71 -22.02 -6.12 -26.04
N ALA B 72 -23.26 -5.78 -26.40
CA ALA B 72 -24.40 -6.72 -26.39
C ALA B 72 -24.23 -7.87 -27.39
N SER B 73 -23.56 -7.60 -28.54
CA SER B 73 -23.35 -8.59 -29.59
C SER B 73 -22.01 -9.32 -29.51
N LEU B 74 -21.07 -8.81 -28.66
CA LEU B 74 -19.71 -9.33 -28.58
C LEU B 74 -19.60 -10.84 -28.38
N ALA B 75 -20.26 -11.41 -27.34
CA ALA B 75 -20.20 -12.86 -27.07
C ALA B 75 -20.62 -13.72 -28.27
N GLY B 76 -21.73 -13.34 -28.91
CA GLY B 76 -22.23 -14.03 -30.11
C GLY B 76 -21.24 -13.99 -31.25
N ARG B 77 -20.63 -12.81 -31.48
CA ARG B 77 -19.63 -12.63 -32.54
C ARG B 77 -18.36 -13.43 -32.27
N VAL B 78 -17.95 -13.52 -30.98
CA VAL B 78 -16.77 -14.31 -30.61
C VAL B 78 -17.06 -15.80 -30.84
N THR B 79 -18.22 -16.28 -30.36
CA THR B 79 -18.66 -17.68 -30.51
C THR B 79 -18.68 -18.07 -32.01
N GLU B 80 -19.14 -17.17 -32.89
CA GLU B 80 -19.17 -17.40 -34.34
C GLU B 80 -17.72 -17.59 -34.85
N ALA B 81 -16.78 -16.75 -34.34
CA ALA B 81 -15.36 -16.81 -34.71
C ALA B 81 -14.65 -18.06 -34.20
N ILE B 82 -14.96 -18.54 -32.99
CA ILE B 82 -14.27 -19.71 -32.44
C ILE B 82 -15.03 -21.03 -32.64
N GLY B 83 -16.28 -20.95 -33.06
CA GLY B 83 -17.14 -22.10 -33.29
C GLY B 83 -18.04 -22.41 -32.13
N ALA B 84 -19.32 -22.74 -32.42
CA ALA B 84 -20.32 -23.12 -31.40
C ALA B 84 -19.80 -24.31 -30.58
N GLY B 85 -20.02 -24.26 -29.27
CA GLY B 85 -19.53 -25.29 -28.36
C GLY B 85 -18.17 -24.98 -27.76
N ASN B 86 -17.44 -24.01 -28.37
CA ASN B 86 -16.11 -23.59 -27.86
C ASN B 86 -16.24 -22.32 -27.06
N LYS B 87 -15.41 -22.19 -26.03
CA LYS B 87 -15.38 -21.03 -25.15
C LYS B 87 -13.95 -20.45 -25.05
N LEU B 88 -13.84 -19.23 -24.54
CA LEU B 88 -12.56 -18.56 -24.35
C LEU B 88 -11.90 -19.01 -23.06
N ASP B 89 -10.57 -19.10 -23.08
CA ASP B 89 -9.75 -19.42 -21.90
C ASP B 89 -9.10 -18.13 -21.37
N GLY B 90 -9.01 -17.11 -22.20
CA GLY B 90 -8.41 -15.85 -21.79
C GLY B 90 -8.99 -14.65 -22.47
N VAL B 91 -8.88 -13.50 -21.78
CA VAL B 91 -9.34 -12.19 -22.26
C VAL B 91 -8.27 -11.18 -21.86
N VAL B 92 -7.81 -10.36 -22.82
CA VAL B 92 -6.84 -9.30 -22.58
C VAL B 92 -7.47 -7.97 -22.87
N HIS B 93 -7.57 -7.11 -21.84
CA HIS B 93 -8.05 -5.74 -21.95
C HIS B 93 -6.79 -4.90 -22.03
N SER B 94 -6.49 -4.29 -23.21
CA SER B 94 -5.29 -3.46 -23.37
C SER B 94 -5.77 -2.17 -24.01
N ILE B 95 -6.75 -1.54 -23.34
CA ILE B 95 -7.45 -0.35 -23.81
C ILE B 95 -7.28 0.79 -22.82
N GLY B 96 -6.93 1.95 -23.33
CA GLY B 96 -6.74 3.15 -22.52
C GLY B 96 -6.87 4.38 -23.37
N PHE B 97 -7.48 5.42 -22.80
CA PHE B 97 -7.66 6.69 -23.48
C PHE B 97 -7.92 7.78 -22.48
N MET B 98 -7.32 8.95 -22.72
CA MET B 98 -7.59 10.14 -21.95
C MET B 98 -7.42 11.34 -22.92
N PRO B 99 -8.43 12.21 -23.09
CA PRO B 99 -8.24 13.38 -23.96
C PRO B 99 -7.08 14.26 -23.50
N GLN B 100 -6.52 15.05 -24.45
CA GLN B 100 -5.39 15.95 -24.22
C GLN B 100 -5.59 16.89 -23.04
N THR B 101 -6.86 17.27 -22.75
CA THR B 101 -7.17 18.16 -21.64
C THR B 101 -6.87 17.50 -20.27
N GLY B 102 -6.88 16.16 -20.24
CA GLY B 102 -6.68 15.36 -19.03
C GLY B 102 -5.29 14.80 -18.82
N MET B 103 -4.39 15.09 -19.77
CA MET B 103 -3.00 14.65 -19.72
C MET B 103 -2.04 15.79 -20.13
N GLY B 104 -0.74 15.50 -20.09
CA GLY B 104 0.32 16.44 -20.46
C GLY B 104 0.36 17.77 -19.74
N ILE B 105 0.66 18.82 -20.52
CA ILE B 105 0.80 20.22 -20.09
C ILE B 105 -0.46 20.88 -19.64
N ASN B 106 -1.64 20.41 -20.12
CA ASN B 106 -2.86 21.08 -19.67
C ASN B 106 -2.95 20.99 -18.14
N PRO B 107 -3.18 22.13 -17.43
CA PRO B 107 -3.27 22.07 -15.96
C PRO B 107 -4.31 21.06 -15.50
N PHE B 108 -3.98 20.32 -14.42
CA PHE B 108 -4.86 19.31 -13.85
C PHE B 108 -6.29 19.86 -13.64
N PHE B 109 -6.40 21.09 -13.14
CA PHE B 109 -7.70 21.74 -12.87
C PHE B 109 -8.50 22.16 -14.11
N ASP B 110 -7.87 22.20 -15.28
CA ASP B 110 -8.55 22.65 -16.51
C ASP B 110 -9.15 21.55 -17.36
N ALA B 111 -9.19 20.31 -16.85
CA ALA B 111 -9.78 19.21 -17.59
C ALA B 111 -11.29 19.22 -17.36
N PRO B 112 -12.13 19.48 -18.39
CA PRO B 112 -13.59 19.44 -18.17
C PRO B 112 -14.07 18.04 -17.85
N TYR B 113 -15.12 17.92 -17.03
CA TYR B 113 -15.60 16.58 -16.66
C TYR B 113 -16.01 15.70 -17.84
N ALA B 114 -16.60 16.27 -18.93
CA ALA B 114 -16.95 15.41 -20.08
C ALA B 114 -15.72 14.65 -20.62
N ASP B 115 -14.54 15.30 -20.64
CA ASP B 115 -13.29 14.69 -21.10
C ASP B 115 -12.80 13.63 -20.11
N VAL B 116 -12.79 13.97 -18.82
CA VAL B 116 -12.40 13.03 -17.75
C VAL B 116 -13.31 11.77 -17.78
N SER B 117 -14.64 11.99 -17.84
CA SER B 117 -15.61 10.91 -17.89
C SER B 117 -15.39 9.99 -19.07
N LYS B 118 -15.09 10.56 -20.27
CA LYS B 118 -14.81 9.73 -21.43
C LYS B 118 -13.59 8.84 -21.16
N GLY B 119 -12.53 9.44 -20.61
CA GLY B 119 -11.30 8.73 -20.27
C GLY B 119 -11.52 7.63 -19.26
N ILE B 120 -12.34 7.89 -18.24
CA ILE B 120 -12.66 6.89 -17.21
C ILE B 120 -13.55 5.76 -17.79
N HIS B 121 -14.48 6.12 -18.69
CA HIS B 121 -15.33 5.12 -19.33
C HIS B 121 -14.46 4.08 -20.07
N ILE B 122 -13.56 4.57 -20.93
CA ILE B 122 -12.72 3.73 -21.76
C ILE B 122 -11.66 2.99 -20.96
N SER B 123 -10.99 3.69 -20.01
CA SER B 123 -9.84 3.14 -19.30
C SER B 123 -10.16 2.30 -18.06
N ALA B 124 -11.32 2.52 -17.44
CA ALA B 124 -11.65 1.81 -16.20
C ALA B 124 -12.98 1.06 -16.25
N TYR B 125 -14.10 1.78 -16.50
CA TYR B 125 -15.42 1.14 -16.55
C TYR B 125 -15.46 -0.02 -17.56
N SER B 126 -14.83 0.15 -18.74
CA SER B 126 -14.86 -0.87 -19.79
C SER B 126 -14.24 -2.21 -19.38
N TYR B 127 -13.37 -2.20 -18.35
CA TYR B 127 -12.82 -3.47 -17.88
C TYR B 127 -13.99 -4.30 -17.31
N ALA B 128 -14.94 -3.65 -16.60
CA ALA B 128 -16.12 -4.34 -16.10
C ALA B 128 -17.06 -4.72 -17.29
N SER B 129 -17.25 -3.83 -18.28
CA SER B 129 -18.12 -4.11 -19.46
C SER B 129 -17.64 -5.35 -20.21
N MET B 130 -16.34 -5.43 -20.47
CA MET B 130 -15.73 -6.56 -21.18
C MET B 130 -15.93 -7.87 -20.41
N ALA B 131 -15.70 -7.85 -19.09
CA ALA B 131 -15.89 -9.02 -18.24
C ALA B 131 -17.36 -9.45 -18.24
N LYS B 132 -18.30 -8.49 -18.17
CA LYS B 132 -19.73 -8.79 -18.15
C LYS B 132 -20.13 -9.51 -19.45
N ALA B 133 -19.65 -9.01 -20.60
CA ALA B 133 -19.94 -9.58 -21.91
C ALA B 133 -19.30 -10.94 -22.14
N LEU B 134 -18.08 -11.16 -21.64
CA LEU B 134 -17.30 -12.36 -21.95
C LEU B 134 -17.31 -13.47 -20.91
N LEU B 135 -17.55 -13.19 -19.62
CA LEU B 135 -17.59 -14.26 -18.61
C LEU B 135 -18.59 -15.39 -18.99
N PRO B 136 -19.79 -15.11 -19.57
CA PRO B 136 -20.70 -16.20 -19.97
C PRO B 136 -20.13 -17.14 -21.03
N ILE B 137 -19.04 -16.73 -21.74
CA ILE B 137 -18.41 -17.59 -22.74
C ILE B 137 -16.95 -17.93 -22.37
N MET B 138 -16.65 -17.99 -21.05
CA MET B 138 -15.32 -18.37 -20.58
C MET B 138 -15.33 -19.69 -19.85
N ASN B 139 -14.30 -20.49 -20.07
CA ASN B 139 -14.13 -21.78 -19.42
C ASN B 139 -13.60 -21.64 -18.00
N PRO B 140 -13.92 -22.60 -17.10
CA PRO B 140 -13.30 -22.59 -15.76
C PRO B 140 -11.78 -22.67 -15.93
N GLY B 141 -11.04 -22.01 -15.04
CA GLY B 141 -9.58 -21.94 -15.11
C GLY B 141 -9.12 -20.82 -16.02
N GLY B 142 -10.09 -20.08 -16.55
CA GLY B 142 -9.87 -18.95 -17.44
C GLY B 142 -9.21 -17.77 -16.76
N SER B 143 -8.78 -16.80 -17.56
CA SER B 143 -8.05 -15.65 -17.05
C SER B 143 -8.37 -14.35 -17.81
N ILE B 144 -8.70 -13.29 -17.08
CA ILE B 144 -8.92 -11.94 -17.62
C ILE B 144 -7.75 -11.09 -17.14
N VAL B 145 -7.08 -10.41 -18.08
CA VAL B 145 -5.93 -9.56 -17.73
C VAL B 145 -6.13 -8.17 -18.31
N GLY B 146 -5.92 -7.13 -17.50
CA GLY B 146 -5.98 -5.74 -17.93
C GLY B 146 -4.63 -5.08 -17.73
N MET B 147 -4.41 -3.93 -18.41
CA MET B 147 -3.16 -3.20 -18.31
C MET B 147 -3.27 -2.00 -17.39
N ASP B 148 -2.30 -1.88 -16.47
CA ASP B 148 -2.30 -0.81 -15.46
C ASP B 148 -0.99 -0.01 -15.53
N PHE B 149 -0.98 1.17 -14.95
CA PHE B 149 0.20 2.01 -14.79
C PHE B 149 0.09 2.48 -13.35
N ASP B 150 0.99 1.98 -12.49
CA ASP B 150 0.96 2.24 -11.03
C ASP B 150 0.53 3.66 -10.66
N PRO B 151 -0.70 3.82 -10.12
CA PRO B 151 -1.19 5.17 -9.76
C PRO B 151 -1.15 5.46 -8.23
N SER B 152 -0.39 4.65 -7.44
N SER B 152 -0.40 4.65 -7.45
CA SER B 152 -0.28 4.77 -5.97
CA SER B 152 -0.30 4.78 -5.99
C SER B 152 0.24 6.14 -5.53
C SER B 152 0.22 6.15 -5.54
N ARG B 153 1.05 6.78 -6.38
CA ARG B 153 1.63 8.10 -6.11
C ARG B 153 1.39 8.99 -7.31
N ALA B 154 1.12 10.28 -7.07
CA ALA B 154 0.90 11.21 -8.16
C ALA B 154 2.21 11.52 -8.88
N MET B 155 2.11 11.95 -10.15
CA MET B 155 3.28 12.23 -10.94
C MET B 155 2.93 13.31 -11.95
N PRO B 156 3.93 14.04 -12.50
CA PRO B 156 3.59 15.08 -13.47
C PRO B 156 3.01 14.49 -14.76
N ALA B 157 2.22 15.32 -15.49
CA ALA B 157 1.64 15.08 -16.80
C ALA B 157 0.59 13.97 -16.92
N TYR B 158 0.77 12.82 -16.25
CA TYR B 158 -0.21 11.71 -16.35
C TYR B 158 -1.58 12.11 -15.83
N ASN B 159 -1.63 13.03 -14.87
CA ASN B 159 -2.84 13.66 -14.33
C ASN B 159 -4.10 12.76 -14.26
N TRP B 160 -5.15 13.03 -15.07
CA TRP B 160 -6.39 12.26 -15.01
C TRP B 160 -6.24 10.82 -15.51
N MET B 161 -5.19 10.50 -16.31
CA MET B 161 -5.00 9.09 -16.68
C MET B 161 -4.62 8.32 -15.40
N THR B 162 -3.83 8.96 -14.50
CA THR B 162 -3.45 8.34 -13.22
C THR B 162 -4.73 8.05 -12.41
N VAL B 163 -5.64 9.05 -12.36
CA VAL B 163 -6.93 8.91 -11.67
C VAL B 163 -7.73 7.74 -12.28
N ALA B 164 -7.76 7.62 -13.62
CA ALA B 164 -8.45 6.52 -14.29
C ALA B 164 -7.84 5.17 -13.91
N LYS B 165 -6.49 5.09 -13.79
CA LYS B 165 -5.85 3.83 -13.37
C LYS B 165 -6.19 3.45 -11.91
N SER B 166 -6.29 4.44 -11.01
CA SER B 166 -6.70 4.18 -9.62
C SER B 166 -8.12 3.56 -9.64
N ALA B 167 -9.02 4.12 -10.49
CA ALA B 167 -10.39 3.57 -10.62
C ALA B 167 -10.32 2.13 -11.20
N LEU B 168 -9.47 1.89 -12.24
CA LEU B 168 -9.27 0.57 -12.83
C LEU B 168 -8.85 -0.49 -11.80
N GLU B 169 -7.89 -0.14 -10.92
CA GLU B 169 -7.43 -1.10 -9.90
C GLU B 169 -8.62 -1.51 -9.01
N SER B 170 -9.48 -0.54 -8.69
CA SER B 170 -10.65 -0.83 -7.86
C SER B 170 -11.66 -1.72 -8.63
N VAL B 171 -11.90 -1.39 -9.91
CA VAL B 171 -12.80 -2.17 -10.75
C VAL B 171 -12.31 -3.62 -10.83
N ASN B 172 -10.99 -3.80 -10.96
CA ASN B 172 -10.40 -5.14 -11.05
C ASN B 172 -10.76 -6.02 -9.86
N ARG B 173 -10.73 -5.43 -8.66
CA ARG B 173 -11.05 -6.18 -7.44
C ARG B 173 -12.52 -6.63 -7.42
N PHE B 174 -13.43 -5.82 -7.96
CA PHE B 174 -14.85 -6.18 -8.07
C PHE B 174 -15.11 -7.19 -9.18
N VAL B 175 -14.41 -7.03 -10.31
CA VAL B 175 -14.48 -7.99 -11.41
C VAL B 175 -14.04 -9.39 -10.91
N ALA B 176 -13.00 -9.44 -10.06
CA ALA B 176 -12.53 -10.72 -9.52
C ALA B 176 -13.65 -11.47 -8.74
N ARG B 177 -14.49 -10.71 -7.99
CA ARG B 177 -15.61 -11.28 -7.25
C ARG B 177 -16.57 -11.99 -8.22
N GLU B 178 -16.90 -11.32 -9.33
CA GLU B 178 -17.82 -11.90 -10.34
C GLU B 178 -17.18 -13.05 -11.10
N ALA B 179 -15.92 -12.85 -11.54
CA ALA B 179 -15.20 -13.86 -12.32
C ALA B 179 -15.02 -15.17 -11.54
N GLY B 180 -14.86 -15.06 -10.22
CA GLY B 180 -14.70 -16.21 -9.34
C GLY B 180 -15.85 -17.20 -9.43
N LYS B 181 -17.08 -16.70 -9.66
CA LYS B 181 -18.29 -17.52 -9.84
C LYS B 181 -18.18 -18.47 -11.05
N TYR B 182 -17.35 -18.12 -12.04
CA TYR B 182 -17.11 -18.88 -13.27
C TYR B 182 -15.81 -19.68 -13.20
N GLY B 183 -15.11 -19.60 -12.06
CA GLY B 183 -13.80 -20.22 -11.87
C GLY B 183 -12.74 -19.51 -12.70
N VAL B 184 -12.93 -18.21 -12.90
CA VAL B 184 -12.07 -17.35 -13.73
C VAL B 184 -11.33 -16.34 -12.83
N ARG B 185 -10.04 -16.09 -13.15
CA ARG B 185 -9.21 -15.10 -12.43
C ARG B 185 -9.27 -13.75 -13.19
N SER B 186 -9.10 -12.64 -12.44
CA SER B 186 -9.05 -11.30 -13.04
C SER B 186 -7.84 -10.58 -12.40
N ASN B 187 -6.91 -10.07 -13.22
CA ASN B 187 -5.72 -9.41 -12.66
C ASN B 187 -5.25 -8.31 -13.59
N LEU B 188 -4.40 -7.41 -13.08
CA LEU B 188 -3.85 -6.34 -13.91
C LEU B 188 -2.33 -6.51 -13.95
N VAL B 189 -1.72 -6.12 -15.07
CA VAL B 189 -0.26 -6.07 -15.18
C VAL B 189 0.09 -4.58 -15.16
N ALA B 190 0.82 -4.14 -14.14
CA ALA B 190 1.26 -2.75 -14.04
C ALA B 190 2.62 -2.66 -14.73
N ALA B 191 2.62 -2.05 -15.91
CA ALA B 191 3.86 -1.96 -16.70
C ALA B 191 4.60 -0.66 -16.41
N GLY B 192 5.91 -0.67 -16.65
CA GLY B 192 6.68 0.56 -16.62
C GLY B 192 6.36 1.31 -17.92
N PRO B 193 6.90 2.54 -18.13
CA PRO B 193 6.57 3.29 -19.35
C PRO B 193 7.10 2.64 -20.63
N ILE B 194 6.25 2.58 -21.68
CA ILE B 194 6.61 1.98 -22.96
C ILE B 194 6.33 3.02 -24.04
N ARG B 195 7.23 3.17 -24.99
CA ARG B 195 7.10 4.13 -26.09
C ARG B 195 6.06 3.66 -27.13
N THR B 196 4.76 3.77 -26.80
CA THR B 196 3.70 3.43 -27.75
C THR B 196 3.36 4.74 -28.47
N LEU B 197 2.32 4.76 -29.33
CA LEU B 197 1.95 5.93 -30.14
C LEU B 197 1.85 7.27 -29.35
N ALA B 198 1.01 7.34 -28.30
CA ALA B 198 0.84 8.57 -27.52
C ALA B 198 2.03 8.94 -26.63
N MET B 199 2.71 7.92 -26.03
CA MET B 199 3.91 8.12 -25.18
C MET B 199 5.03 8.82 -25.92
N SER B 200 5.31 8.42 -27.19
CA SER B 200 6.34 9.01 -28.05
C SER B 200 6.02 10.47 -28.38
N ALA B 201 4.72 10.80 -28.60
CA ALA B 201 4.24 12.14 -28.91
C ALA B 201 4.42 13.08 -27.71
N ILE B 202 4.05 12.62 -26.49
CA ILE B 202 4.19 13.38 -25.24
C ILE B 202 5.67 13.68 -24.94
N VAL B 203 6.55 12.67 -25.09
CA VAL B 203 8.00 12.79 -24.92
C VAL B 203 8.60 13.81 -25.90
N GLY B 204 8.03 13.90 -27.10
CA GLY B 204 8.45 14.84 -28.13
C GLY B 204 7.84 16.23 -28.03
N GLY B 205 7.06 16.46 -26.97
CA GLY B 205 6.42 17.75 -26.67
C GLY B 205 5.17 18.10 -27.45
N ALA B 206 4.36 17.09 -27.84
CA ALA B 206 3.14 17.33 -28.61
C ALA B 206 1.95 16.47 -28.13
N GLY B 208 3.67 20.56 -25.52
CA GLY B 208 4.27 21.42 -24.51
C GLY B 208 5.60 20.91 -24.01
N GLU B 209 6.56 21.84 -23.84
CA GLU B 209 7.93 21.60 -23.38
C GLU B 209 8.02 20.91 -22.02
N GLU B 210 7.26 21.42 -21.03
CA GLU B 210 7.22 20.95 -19.65
C GLU B 210 6.79 19.48 -19.54
N ALA B 211 5.66 19.10 -20.18
CA ALA B 211 5.14 17.72 -20.16
C ALA B 211 6.15 16.70 -20.62
N GLY B 212 6.87 17.00 -21.70
CA GLY B 212 7.91 16.13 -22.24
C GLY B 212 9.13 16.02 -21.35
N ALA B 213 9.54 17.14 -20.69
CA ALA B 213 10.70 17.20 -19.79
C ALA B 213 10.45 16.42 -18.50
N GLN B 214 9.21 16.46 -18.03
CA GLN B 214 8.79 15.75 -16.82
C GLN B 214 8.72 14.27 -17.11
N ILE B 215 8.21 13.91 -18.31
CA ILE B 215 8.12 12.52 -18.77
C ILE B 215 9.52 11.99 -18.95
N GLN B 216 10.43 12.81 -19.55
CA GLN B 216 11.84 12.50 -19.73
C GLN B 216 12.48 12.10 -18.36
N LEU B 217 12.32 12.95 -17.32
CA LEU B 217 12.85 12.70 -15.96
C LEU B 217 12.21 11.47 -15.31
N LEU B 218 10.92 11.28 -15.56
CA LEU B 218 10.17 10.13 -15.05
C LEU B 218 10.73 8.84 -15.66
N GLU B 219 10.94 8.80 -17.00
CA GLU B 219 11.50 7.64 -17.70
C GLU B 219 12.92 7.34 -17.29
N GLU B 220 13.77 8.38 -17.21
CA GLU B 220 15.15 8.24 -16.78
C GLU B 220 15.19 7.65 -15.39
N GLY B 221 14.40 8.19 -14.45
CA GLY B 221 14.30 7.67 -13.08
C GLY B 221 13.87 6.22 -12.99
N TRP B 222 12.95 5.79 -13.88
CA TRP B 222 12.46 4.40 -13.90
C TRP B 222 13.61 3.39 -14.10
N ASP B 223 14.41 3.56 -15.16
CA ASP B 223 15.57 2.72 -15.44
C ASP B 223 16.59 2.82 -14.29
N GLN B 224 16.74 3.99 -13.66
CA GLN B 224 17.66 4.16 -12.53
C GLN B 224 17.19 3.38 -11.30
N ARG B 225 15.91 3.51 -10.95
CA ARG B 225 15.30 2.87 -9.77
C ARG B 225 15.17 1.34 -9.92
N ALA B 226 14.90 0.85 -11.14
CA ALA B 226 14.73 -0.58 -11.44
C ALA B 226 16.02 -1.38 -11.17
N PRO B 227 16.06 -2.29 -10.18
CA PRO B 227 17.30 -3.07 -9.94
C PRO B 227 17.82 -3.84 -11.15
N ILE B 228 16.92 -4.23 -12.08
CA ILE B 228 17.29 -4.95 -13.30
C ILE B 228 17.20 -4.05 -14.55
N GLY B 229 17.00 -2.76 -14.34
CA GLY B 229 16.88 -1.78 -15.41
C GLY B 229 15.52 -1.81 -16.06
N TRP B 230 15.26 -0.83 -16.92
CA TRP B 230 13.99 -0.74 -17.63
C TRP B 230 14.23 -0.20 -19.01
N ASN B 231 13.81 -0.96 -20.04
CA ASN B 231 13.95 -0.53 -21.42
C ASN B 231 12.56 -0.13 -21.96
N MET B 232 12.29 1.18 -22.08
CA MET B 232 10.99 1.69 -22.58
C MET B 232 10.67 1.30 -24.02
N LYS B 233 11.70 0.95 -24.80
CA LYS B 233 11.50 0.62 -26.21
C LYS B 233 11.19 -0.88 -26.39
N ASP B 234 11.11 -1.63 -25.27
CA ASP B 234 10.89 -3.08 -25.34
C ASP B 234 9.63 -3.54 -24.59
N ALA B 235 8.57 -3.88 -25.34
CA ALA B 235 7.32 -4.34 -24.72
C ALA B 235 7.29 -5.84 -24.41
N THR B 236 8.28 -6.63 -24.93
CA THR B 236 8.32 -8.08 -24.75
C THR B 236 8.26 -8.52 -23.25
N PRO B 237 9.02 -7.94 -22.30
CA PRO B 237 8.89 -8.40 -20.89
C PRO B 237 7.45 -8.26 -20.35
N VAL B 238 6.75 -7.21 -20.81
CA VAL B 238 5.36 -6.93 -20.41
C VAL B 238 4.44 -8.00 -21.04
N ALA B 239 4.62 -8.28 -22.35
CA ALA B 239 3.85 -9.30 -23.07
C ALA B 239 4.03 -10.68 -22.42
N LYS B 240 5.26 -11.03 -22.01
CA LYS B 240 5.55 -12.30 -21.34
C LYS B 240 4.80 -12.40 -20.02
N THR B 241 4.78 -11.30 -19.23
CA THR B 241 4.07 -11.24 -17.93
C THR B 241 2.56 -11.47 -18.12
N VAL B 242 1.96 -10.83 -19.12
CA VAL B 242 0.55 -11.06 -19.43
C VAL B 242 0.31 -12.55 -19.76
N CYS B 243 1.18 -13.15 -20.60
CA CYS B 243 1.05 -14.57 -20.94
C CYS B 243 1.20 -15.47 -19.71
N ALA B 244 2.08 -15.11 -18.74
CA ALA B 244 2.20 -15.88 -17.49
C ALA B 244 0.83 -15.89 -16.78
N LEU B 245 0.12 -14.73 -16.73
CA LEU B 245 -1.20 -14.66 -16.10
C LEU B 245 -2.27 -15.42 -16.88
N LEU B 246 -2.12 -15.50 -18.20
CA LEU B 246 -3.08 -16.22 -19.05
C LEU B 246 -2.87 -17.73 -18.95
N SER B 247 -1.69 -18.15 -18.48
CA SER B 247 -1.32 -19.56 -18.33
C SER B 247 -1.95 -20.18 -17.08
N ASP B 248 -1.67 -21.48 -16.85
CA ASP B 248 -2.14 -22.21 -15.69
C ASP B 248 -1.12 -22.11 -14.52
N TRP B 249 -0.09 -21.25 -14.65
CA TRP B 249 1.01 -21.17 -13.68
C TRP B 249 0.83 -20.15 -12.54
N LEU B 250 -0.25 -19.36 -12.53
CA LEU B 250 -0.57 -18.44 -11.40
C LEU B 250 -2.05 -18.72 -11.05
N PRO B 251 -2.37 -19.98 -10.63
CA PRO B 251 -3.79 -20.38 -10.47
C PRO B 251 -4.47 -19.86 -9.23
N ALA B 252 -3.69 -19.26 -8.29
CA ALA B 252 -4.28 -18.80 -7.03
C ALA B 252 -4.15 -17.27 -6.86
N THR B 253 -3.98 -16.54 -7.98
CA THR B 253 -3.86 -15.10 -7.97
C THR B 253 -5.06 -14.50 -8.66
N THR B 254 -5.81 -13.65 -7.94
CA THR B 254 -6.97 -12.94 -8.51
C THR B 254 -7.24 -11.65 -7.77
N GLY B 255 -7.88 -10.70 -8.47
CA GLY B 255 -8.18 -9.34 -8.00
C GLY B 255 -6.90 -8.57 -7.72
N ASP B 256 -5.80 -9.03 -8.32
CA ASP B 256 -4.46 -8.57 -8.00
C ASP B 256 -3.75 -7.81 -9.10
N ILE B 257 -2.54 -7.31 -8.78
CA ILE B 257 -1.70 -6.52 -9.69
C ILE B 257 -0.30 -7.12 -9.68
N ILE B 258 0.19 -7.50 -10.87
CA ILE B 258 1.56 -8.02 -11.05
C ILE B 258 2.33 -6.87 -11.70
N TYR B 259 3.49 -6.51 -11.14
CA TYR B 259 4.26 -5.38 -11.65
C TYR B 259 5.36 -5.83 -12.61
N ALA B 260 5.25 -5.43 -13.88
CA ALA B 260 6.26 -5.75 -14.91
C ALA B 260 6.92 -4.40 -15.19
N ASP B 261 7.72 -3.92 -14.21
CA ASP B 261 8.26 -2.57 -14.24
C ASP B 261 9.76 -2.49 -13.91
N GLY B 262 10.48 -3.62 -13.99
CA GLY B 262 11.89 -3.72 -13.64
C GLY B 262 12.15 -3.66 -12.14
N GLY B 263 11.07 -3.70 -11.36
CA GLY B 263 11.11 -3.55 -9.90
C GLY B 263 11.22 -2.10 -9.46
N ALA B 264 11.01 -1.14 -10.38
CA ALA B 264 11.14 0.28 -10.06
C ALA B 264 10.25 0.74 -8.90
N HIS B 265 9.00 0.23 -8.82
CA HIS B 265 8.06 0.68 -7.77
C HIS B 265 8.47 0.22 -6.37
N THR B 266 9.48 -0.67 -6.26
CA THR B 266 9.93 -1.19 -4.98
C THR B 266 11.14 -0.41 -4.42
N GLN B 267 11.61 0.60 -5.16
CA GLN B 267 12.80 1.38 -4.83
C GLN B 267 12.54 2.88 -4.83
N LEU B 268 13.10 3.58 -3.85
CA LEU B 268 12.92 5.03 -3.77
C LEU B 268 13.94 5.75 -4.65
N LEU B 269 15.18 5.25 -4.64
CA LEU B 269 16.31 5.77 -5.41
C LEU B 269 17.21 4.60 -5.81
N THR C 2 9.45 -31.32 -22.21
CA THR C 2 9.20 -29.92 -22.60
C THR C 2 8.47 -29.16 -21.48
N GLY C 3 9.17 -29.00 -20.39
CA GLY C 3 8.64 -28.37 -19.20
C GLY C 3 9.01 -26.91 -19.08
N LEU C 4 8.34 -26.25 -18.15
CA LEU C 4 8.47 -24.83 -17.84
C LEU C 4 9.90 -24.47 -17.41
N LEU C 5 10.59 -25.39 -16.72
CA LEU C 5 11.92 -25.18 -16.16
C LEU C 5 12.98 -26.11 -16.76
N ASP C 6 12.76 -26.57 -18.01
CA ASP C 6 13.68 -27.48 -18.70
C ASP C 6 15.11 -26.98 -18.71
N GLY C 7 16.03 -27.82 -18.21
CA GLY C 7 17.44 -27.50 -18.18
C GLY C 7 17.90 -26.55 -17.08
N LYS C 8 16.97 -26.02 -16.27
CA LYS C 8 17.33 -25.09 -15.20
C LYS C 8 17.88 -25.82 -13.98
N ARG C 9 18.95 -25.28 -13.37
CA ARG C 9 19.54 -25.85 -12.14
C ARG C 9 19.01 -25.02 -10.98
N ILE C 10 18.27 -25.64 -10.07
CA ILE C 10 17.59 -24.90 -8.99
C ILE C 10 17.86 -25.47 -7.61
N LEU C 11 18.23 -24.58 -6.66
CA LEU C 11 18.43 -24.98 -5.28
C LEU C 11 17.13 -24.76 -4.54
N VAL C 12 16.69 -25.78 -3.78
CA VAL C 12 15.46 -25.72 -2.99
C VAL C 12 15.76 -26.05 -1.55
N SER C 13 15.53 -25.09 -0.65
CA SER C 13 15.72 -25.28 0.79
C SER C 13 14.38 -25.48 1.44
N GLY C 14 14.36 -25.98 2.68
CA GLY C 14 13.14 -26.02 3.47
C GLY C 14 12.28 -27.26 3.50
N ILE C 15 12.76 -28.38 2.94
CA ILE C 15 12.01 -29.65 3.07
C ILE C 15 12.27 -30.21 4.46
N ILE C 16 11.19 -30.51 5.20
CA ILE C 16 11.26 -31.22 6.49
C ILE C 16 10.28 -32.42 6.45
N THR C 17 9.09 -32.22 5.86
CA THR C 17 8.09 -33.30 5.69
C THR C 17 7.58 -33.28 4.25
N ASP C 18 6.76 -34.27 3.85
CA ASP C 18 6.18 -34.25 2.50
C ASP C 18 4.97 -33.29 2.44
N SER C 19 4.65 -32.61 3.55
CA SER C 19 3.61 -31.58 3.56
C SER C 19 4.28 -30.18 3.45
N SER C 20 5.62 -30.12 3.57
CA SER C 20 6.37 -28.85 3.46
C SER C 20 6.07 -28.20 2.11
N ILE C 21 5.90 -26.89 2.09
CA ILE C 21 5.69 -26.19 0.82
C ILE C 21 6.87 -26.46 -0.12
N ALA C 22 8.11 -26.52 0.42
CA ALA C 22 9.30 -26.82 -0.35
C ALA C 22 9.27 -28.19 -1.04
N PHE C 23 8.61 -29.17 -0.40
CA PHE C 23 8.48 -30.51 -0.99
C PHE C 23 7.66 -30.38 -2.27
N HIS C 24 6.52 -29.66 -2.20
CA HIS C 24 5.66 -29.44 -3.36
C HIS C 24 6.35 -28.59 -4.43
N ILE C 25 7.13 -27.55 -4.03
CA ILE C 25 7.90 -26.75 -5.01
C ILE C 25 8.88 -27.65 -5.75
N ALA C 26 9.62 -28.49 -5.00
CA ALA C 26 10.60 -29.42 -5.57
C ALA C 26 9.93 -30.41 -6.55
N ARG C 27 8.78 -30.99 -6.15
CA ARG C 27 8.03 -31.94 -6.99
C ARG C 27 7.60 -31.31 -8.30
N VAL C 28 6.95 -30.13 -8.24
CA VAL C 28 6.49 -29.42 -9.44
C VAL C 28 7.69 -29.04 -10.35
N ALA C 29 8.79 -28.56 -9.75
CA ALA C 29 9.99 -28.15 -10.50
C ALA C 29 10.55 -29.37 -11.25
N GLN C 30 10.62 -30.53 -10.59
CA GLN C 30 11.13 -31.76 -11.24
C GLN C 30 10.22 -32.21 -12.37
N GLU C 31 8.89 -32.13 -12.15
CA GLU C 31 7.87 -32.47 -13.16
C GLU C 31 8.06 -31.55 -14.37
N GLN C 32 8.54 -30.29 -14.12
CA GLN C 32 8.74 -29.30 -15.18
C GLN C 32 10.16 -29.27 -15.77
N GLY C 33 10.93 -30.33 -15.52
CA GLY C 33 12.26 -30.51 -16.10
C GLY C 33 13.46 -29.88 -15.40
N ALA C 34 13.27 -29.32 -14.20
CA ALA C 34 14.39 -28.73 -13.48
C ALA C 34 15.29 -29.79 -12.87
N GLN C 35 16.59 -29.47 -12.75
CA GLN C 35 17.59 -30.32 -12.09
C GLN C 35 17.81 -29.67 -10.72
N LEU C 36 17.44 -30.37 -9.65
CA LEU C 36 17.52 -29.79 -8.30
C LEU C 36 18.72 -30.13 -7.45
N VAL C 37 19.00 -29.23 -6.50
CA VAL C 37 19.95 -29.38 -5.40
C VAL C 37 19.10 -29.01 -4.19
N LEU C 38 19.01 -29.91 -3.21
CA LEU C 38 18.21 -29.66 -2.02
C LEU C 38 19.07 -29.35 -0.80
N THR C 39 18.57 -28.49 0.12
CA THR C 39 19.25 -28.22 1.38
C THR C 39 18.32 -28.53 2.51
N GLY C 40 18.85 -29.11 3.57
CA GLY C 40 18.07 -29.44 4.75
C GLY C 40 18.75 -29.05 6.04
N PHE C 41 17.96 -28.94 7.11
CA PHE C 41 18.46 -28.54 8.40
C PHE C 41 18.29 -29.62 9.47
N ASP C 42 19.36 -29.82 10.23
CA ASP C 42 19.47 -30.69 11.41
C ASP C 42 19.19 -32.21 11.18
N ARG C 43 17.93 -32.58 10.89
CA ARG C 43 17.49 -33.98 10.74
C ARG C 43 17.73 -34.48 9.29
N LEU C 44 19.00 -34.49 8.86
CA LEU C 44 19.38 -34.84 7.49
C LEU C 44 19.03 -36.25 7.04
N ARG C 45 19.14 -37.25 7.95
CA ARG C 45 18.78 -38.62 7.56
C ARG C 45 17.27 -38.67 7.29
N LEU C 46 16.46 -38.04 8.17
CA LEU C 46 15.01 -37.93 8.05
C LEU C 46 14.63 -37.22 6.74
N ILE C 47 15.33 -36.10 6.43
CA ILE C 47 15.09 -35.31 5.21
C ILE C 47 15.44 -36.12 3.97
N GLN C 48 16.55 -36.86 4.01
CA GLN C 48 16.94 -37.69 2.87
C GLN C 48 15.82 -38.70 2.51
N ARG C 49 15.20 -39.32 3.54
CA ARG C 49 14.09 -40.27 3.36
C ARG C 49 12.86 -39.58 2.73
N ILE C 50 12.59 -38.32 3.12
CA ILE C 50 11.49 -37.54 2.53
C ILE C 50 11.82 -37.28 1.07
N THR C 51 13.08 -36.94 0.77
CA THR C 51 13.48 -36.61 -0.61
C THR C 51 13.37 -37.82 -1.54
N ASP C 52 13.38 -39.06 -0.99
CA ASP C 52 13.21 -40.27 -1.79
C ASP C 52 11.77 -40.32 -2.37
N ARG C 53 10.83 -39.54 -1.79
CA ARG C 53 9.43 -39.47 -2.26
C ARG C 53 9.26 -38.59 -3.50
N LEU C 54 10.32 -37.81 -3.86
CA LEU C 54 10.27 -36.94 -5.03
C LEU C 54 10.40 -37.75 -6.31
N PRO C 55 9.87 -37.28 -7.46
CA PRO C 55 9.95 -38.07 -8.71
C PRO C 55 11.37 -38.38 -9.21
N ALA C 56 12.36 -37.51 -8.92
CA ALA C 56 13.74 -37.73 -9.35
C ALA C 56 14.73 -37.55 -8.20
N LYS C 57 15.88 -38.23 -8.30
CA LYS C 57 16.95 -38.18 -7.32
C LYS C 57 17.60 -36.79 -7.38
N ALA C 58 17.92 -36.23 -6.20
CA ALA C 58 18.59 -34.93 -6.12
C ALA C 58 19.52 -34.90 -4.95
N PRO C 59 20.73 -34.30 -5.10
CA PRO C 59 21.66 -34.24 -3.96
C PRO C 59 21.11 -33.41 -2.82
N LEU C 60 21.35 -33.86 -1.59
CA LEU C 60 20.91 -33.17 -0.38
C LEU C 60 22.13 -32.62 0.37
N LEU C 61 22.15 -31.30 0.62
CA LEU C 61 23.24 -30.61 1.33
C LEU C 61 22.76 -30.08 2.67
N GLU C 62 23.61 -30.10 3.68
CA GLU C 62 23.20 -29.59 4.98
C GLU C 62 23.35 -28.06 4.98
N LEU C 63 22.34 -27.36 5.50
CA LEU C 63 22.38 -25.90 5.64
C LEU C 63 21.56 -25.44 6.81
N ASP C 64 22.26 -25.05 7.88
CA ASP C 64 21.68 -24.41 9.05
C ASP C 64 21.99 -22.95 8.76
N VAL C 65 20.95 -22.15 8.49
CA VAL C 65 21.19 -20.73 8.13
C VAL C 65 21.79 -19.89 9.29
N GLN C 66 21.76 -20.41 10.53
CA GLN C 66 22.37 -19.73 11.68
C GLN C 66 23.86 -20.08 11.82
N ASN C 67 24.34 -21.00 10.96
CA ASN C 67 25.71 -21.47 10.96
C ASN C 67 26.52 -20.77 9.85
N GLU C 68 27.43 -19.85 10.23
CA GLU C 68 28.21 -19.08 9.27
C GLU C 68 29.23 -19.94 8.51
N GLU C 69 29.66 -21.08 9.07
CA GLU C 69 30.55 -22.01 8.39
C GLU C 69 29.78 -22.74 7.26
N HIS C 70 28.50 -23.11 7.51
CA HIS C 70 27.63 -23.74 6.50
C HIS C 70 27.44 -22.76 5.35
N LEU C 71 27.22 -21.46 5.68
CA LEU C 71 27.03 -20.43 4.65
C LEU C 71 28.30 -20.16 3.85
N ALA C 72 29.47 -20.12 4.53
CA ALA C 72 30.77 -19.89 3.89
C ALA C 72 31.15 -21.01 2.90
N SER C 73 30.75 -22.26 3.18
CA SER C 73 31.06 -23.42 2.34
C SER C 73 29.97 -23.77 1.33
N LEU C 74 28.78 -23.15 1.45
CA LEU C 74 27.62 -23.47 0.61
C LEU C 74 27.88 -23.44 -0.89
N ALA C 75 28.39 -22.32 -1.45
CA ALA C 75 28.64 -22.22 -2.89
C ALA C 75 29.56 -23.36 -3.42
N GLY C 76 30.63 -23.67 -2.67
CA GLY C 76 31.54 -24.75 -3.06
C GLY C 76 30.90 -26.12 -3.02
N ARG C 77 30.05 -26.34 -2.02
CA ARG C 77 29.32 -27.60 -1.92
C ARG C 77 28.29 -27.75 -3.02
N VAL C 78 27.63 -26.63 -3.42
CA VAL C 78 26.66 -26.64 -4.53
C VAL C 78 27.39 -26.94 -5.82
N THR C 79 28.56 -26.29 -6.04
CA THR C 79 29.39 -26.46 -7.23
C THR C 79 29.83 -27.92 -7.40
N GLU C 80 30.16 -28.59 -6.29
CA GLU C 80 30.54 -30.00 -6.29
C GLU C 80 29.31 -30.83 -6.73
N ALA C 81 28.10 -30.48 -6.25
CA ALA C 81 26.87 -31.18 -6.58
C ALA C 81 26.43 -31.00 -8.03
N ILE C 82 26.58 -29.79 -8.60
CA ILE C 82 26.11 -29.53 -9.98
C ILE C 82 27.22 -29.67 -11.03
N GLY C 83 28.46 -29.74 -10.57
CA GLY C 83 29.63 -29.86 -11.44
C GLY C 83 30.29 -28.52 -11.69
N ALA C 84 31.64 -28.51 -11.65
CA ALA C 84 32.47 -27.33 -11.93
C ALA C 84 32.12 -26.76 -13.31
N GLY C 85 32.03 -25.44 -13.39
CA GLY C 85 31.67 -24.76 -14.64
C GLY C 85 30.18 -24.52 -14.80
N ASN C 86 29.35 -25.18 -13.97
CA ASN C 86 27.89 -25.00 -13.98
C ASN C 86 27.48 -24.06 -12.86
N LYS C 87 26.43 -23.28 -13.12
CA LYS C 87 25.87 -22.34 -12.15
C LYS C 87 24.36 -22.58 -11.96
N LEU C 88 23.81 -22.01 -10.89
CA LEU C 88 22.38 -22.11 -10.58
C LEU C 88 21.59 -21.08 -11.36
N ASP C 89 20.37 -21.46 -11.76
CA ASP C 89 19.43 -20.58 -12.43
C ASP C 89 18.35 -20.12 -11.44
N GLY C 90 18.20 -20.85 -10.35
CA GLY C 90 17.21 -20.52 -9.34
C GLY C 90 17.57 -20.93 -7.93
N VAL C 91 17.01 -20.19 -6.97
CA VAL C 91 17.19 -20.42 -5.54
C VAL C 91 15.81 -20.24 -4.91
N VAL C 92 15.42 -21.20 -4.06
CA VAL C 92 14.16 -21.15 -3.32
C VAL C 92 14.46 -21.16 -1.84
N HIS C 93 14.06 -20.08 -1.17
CA HIS C 93 14.17 -19.96 0.28
C HIS C 93 12.77 -20.31 0.80
N SER C 94 12.63 -21.46 1.48
CA SER C 94 11.33 -21.86 2.02
C SER C 94 11.58 -22.26 3.48
N ILE C 95 12.18 -21.30 4.21
CA ILE C 95 12.63 -21.48 5.59
C ILE C 95 11.91 -20.49 6.48
N GLY C 96 11.40 -20.98 7.59
CA GLY C 96 10.74 -20.16 8.57
C GLY C 96 10.73 -20.84 9.91
N PHE C 97 10.87 -20.03 10.97
CA PHE C 97 10.86 -20.52 12.32
C PHE C 97 10.56 -19.42 13.27
N MET C 98 9.72 -19.73 14.26
CA MET C 98 9.48 -18.82 15.38
C MET C 98 9.22 -19.68 16.61
N PRO C 99 9.98 -19.52 17.72
CA PRO C 99 9.68 -20.33 18.92
C PRO C 99 8.25 -20.15 19.41
N GLN C 100 7.74 -21.15 20.15
CA GLN C 100 6.40 -21.16 20.73
C GLN C 100 6.06 -19.89 21.52
N THR C 101 7.08 -19.24 22.12
CA THR C 101 6.84 -18.00 22.89
C THR C 101 6.43 -16.82 21.97
N GLY C 102 6.79 -16.91 20.68
CA GLY C 102 6.53 -15.84 19.72
C GLY C 102 5.40 -16.06 18.73
N MET C 103 4.81 -17.28 18.70
CA MET C 103 3.76 -17.64 17.72
C MET C 103 2.86 -18.67 18.39
N GLY C 104 1.53 -18.45 18.39
CA GLY C 104 0.59 -19.36 19.01
C GLY C 104 -0.30 -18.69 20.05
N ILE C 105 -0.51 -19.35 21.20
CA ILE C 105 -1.36 -18.81 22.29
C ILE C 105 -0.65 -17.83 23.22
N ASN C 106 0.69 -17.86 23.25
CA ASN C 106 1.47 -17.03 24.16
C ASN C 106 1.21 -15.53 23.90
N PRO C 107 0.94 -14.71 24.95
CA PRO C 107 0.72 -13.27 24.71
C PRO C 107 1.90 -12.64 23.96
N PHE C 108 1.56 -11.73 23.03
CA PHE C 108 2.53 -11.01 22.21
C PHE C 108 3.67 -10.41 23.08
N PHE C 109 3.30 -9.82 24.23
CA PHE C 109 4.27 -9.18 25.12
C PHE C 109 5.17 -10.15 25.90
N ASP C 110 4.84 -11.44 25.92
CA ASP C 110 5.61 -12.42 26.70
C ASP C 110 6.70 -13.14 25.93
N ALA C 111 6.97 -12.73 24.68
CA ALA C 111 8.02 -13.34 23.89
C ALA C 111 9.37 -12.68 24.26
N PRO C 112 10.33 -13.41 24.84
CA PRO C 112 11.64 -12.79 25.15
C PRO C 112 12.40 -12.47 23.85
N TYR C 113 13.23 -11.42 23.87
CA TYR C 113 13.96 -11.04 22.66
C TYR C 113 14.86 -12.15 22.11
N ALA C 114 15.49 -13.01 22.96
CA ALA C 114 16.34 -14.09 22.42
C ALA C 114 15.54 -14.99 21.44
N ASP C 115 14.28 -15.27 21.77
CA ASP C 115 13.37 -16.09 20.96
C ASP C 115 13.00 -15.37 19.68
N VAL C 116 12.58 -14.08 19.80
CA VAL C 116 12.23 -13.26 18.63
C VAL C 116 13.44 -13.14 17.67
N SER C 117 14.63 -12.85 18.21
CA SER C 117 15.86 -12.72 17.42
C SER C 117 16.15 -13.99 16.66
N LYS C 118 15.99 -15.16 17.32
CA LYS C 118 16.23 -16.43 16.63
C LYS C 118 15.26 -16.57 15.44
N GLY C 119 14.00 -16.26 15.68
CA GLY C 119 12.96 -16.33 14.65
C GLY C 119 13.22 -15.39 13.49
N ILE C 120 13.70 -14.15 13.78
CA ILE C 120 14.03 -13.16 12.74
C ILE C 120 15.26 -13.59 11.98
N HIS C 121 16.26 -14.17 12.68
CA HIS C 121 17.47 -14.63 12.03
C HIS C 121 17.12 -15.66 10.94
N ILE C 122 16.34 -16.69 11.32
CA ILE C 122 15.97 -17.78 10.43
C ILE C 122 14.97 -17.37 9.36
N SER C 123 13.97 -16.58 9.73
CA SER C 123 12.88 -16.25 8.80
C SER C 123 13.11 -15.05 7.90
N ALA C 124 13.98 -14.10 8.30
CA ALA C 124 14.19 -12.89 7.50
C ALA C 124 15.63 -12.63 7.09
N TYR C 125 16.54 -12.55 8.10
CA TYR C 125 17.95 -12.25 7.80
C TYR C 125 18.55 -13.29 6.85
N SER C 126 18.18 -14.59 7.04
CA SER C 126 18.73 -15.67 6.21
C SER C 126 18.42 -15.56 4.74
N TYR C 127 17.36 -14.79 4.36
CA TYR C 127 17.08 -14.58 2.95
C TYR C 127 18.24 -13.81 2.34
N ALA C 128 18.78 -12.83 3.09
CA ALA C 128 19.97 -12.09 2.64
C ALA C 128 21.23 -13.01 2.69
N SER C 129 21.38 -13.84 3.73
CA SER C 129 22.55 -14.75 3.84
C SER C 129 22.63 -15.71 2.67
N MET C 130 21.48 -16.30 2.29
CA MET C 130 21.40 -17.24 1.18
C MET C 130 21.75 -16.57 -0.13
N ALA C 131 21.21 -15.37 -0.38
CA ALA C 131 21.51 -14.60 -1.58
C ALA C 131 23.00 -14.23 -1.62
N LYS C 132 23.59 -13.84 -0.49
CA LYS C 132 25.02 -13.47 -0.43
C LYS C 132 25.88 -14.67 -0.83
N ALA C 133 25.57 -15.85 -0.28
CA ALA C 133 26.31 -17.09 -0.57
C ALA C 133 26.16 -17.58 -2.00
N LEU C 134 24.95 -17.46 -2.57
CA LEU C 134 24.61 -18.06 -3.86
C LEU C 134 24.67 -17.14 -5.08
N LEU C 135 24.50 -15.81 -4.95
CA LEU C 135 24.60 -14.93 -6.12
C LEU C 135 25.92 -15.11 -6.92
N PRO C 136 27.11 -15.33 -6.27
CA PRO C 136 28.34 -15.55 -7.05
C PRO C 136 28.32 -16.80 -7.93
N ILE C 137 27.35 -17.73 -7.70
CA ILE C 137 27.24 -18.94 -8.53
C ILE C 137 25.87 -19.00 -9.24
N MET C 138 25.28 -17.81 -9.54
CA MET C 138 24.01 -17.75 -10.28
C MET C 138 24.20 -17.16 -11.66
N ASN C 139 23.49 -17.70 -12.64
CA ASN C 139 23.54 -17.22 -14.02
C ASN C 139 22.69 -15.97 -14.21
N PRO C 140 23.05 -15.07 -15.17
CA PRO C 140 22.14 -13.96 -15.49
C PRO C 140 20.78 -14.52 -15.93
N GLY C 141 19.72 -13.79 -15.62
CA GLY C 141 18.35 -14.22 -15.90
C GLY C 141 17.82 -15.14 -14.82
N GLY C 142 18.64 -15.38 -13.80
CA GLY C 142 18.34 -16.22 -12.65
C GLY C 142 17.25 -15.65 -11.78
N SER C 143 16.77 -16.45 -10.81
CA SER C 143 15.66 -16.06 -9.97
C SER C 143 15.79 -16.59 -8.54
N ILE C 144 15.63 -15.71 -7.54
CA ILE C 144 15.63 -16.05 -6.12
C ILE C 144 14.19 -15.85 -5.65
N VAL C 145 13.60 -16.87 -5.00
CA VAL C 145 12.21 -16.78 -4.52
C VAL C 145 12.16 -17.18 -3.06
N GLY C 146 11.49 -16.38 -2.25
CA GLY C 146 11.28 -16.70 -0.85
C GLY C 146 9.80 -16.79 -0.55
N MET C 147 9.45 -17.40 0.62
CA MET C 147 8.06 -17.57 1.01
C MET C 147 7.62 -16.53 2.03
N ASP C 148 6.47 -15.92 1.79
CA ASP C 148 5.93 -14.86 2.65
C ASP C 148 4.52 -15.20 3.12
N PHE C 149 4.06 -14.53 4.19
CA PHE C 149 2.68 -14.64 4.69
C PHE C 149 2.30 -13.20 4.94
N ASP C 150 1.40 -12.63 4.09
CA ASP C 150 1.01 -11.22 4.16
C ASP C 150 0.96 -10.64 5.58
N PRO C 151 1.93 -9.76 5.92
CA PRO C 151 1.93 -9.17 7.27
C PRO C 151 1.46 -7.71 7.33
N SER C 152 0.83 -7.23 6.22
CA SER C 152 0.38 -5.83 6.12
C SER C 152 -0.62 -5.42 7.22
N ARG C 153 -1.35 -6.40 7.79
CA ARG C 153 -2.33 -6.19 8.87
C ARG C 153 -2.05 -7.22 9.97
N ALA C 154 -2.18 -6.81 11.23
CA ALA C 154 -1.94 -7.72 12.35
C ALA C 154 -3.09 -8.73 12.43
N MET C 155 -2.85 -9.85 13.09
CA MET C 155 -3.84 -10.91 13.20
C MET C 155 -3.56 -11.73 14.47
N PRO C 156 -4.55 -12.46 15.02
CA PRO C 156 -4.26 -13.24 16.23
C PRO C 156 -3.25 -14.36 15.96
N ALA C 157 -2.54 -14.76 17.01
CA ALA C 157 -1.60 -15.89 17.10
C ALA C 157 -0.29 -15.77 16.30
N TYR C 158 -0.33 -15.27 15.06
CA TYR C 158 0.89 -15.22 14.24
C TYR C 158 1.96 -14.32 14.84
N ASN C 159 1.53 -13.31 15.60
CA ASN C 159 2.37 -12.42 16.43
C ASN C 159 3.75 -12.11 15.85
N TRP C 160 4.86 -12.62 16.48
CA TRP C 160 6.21 -12.29 16.04
C TRP C 160 6.60 -12.91 14.70
N MET C 161 5.89 -13.96 14.24
CA MET C 161 6.16 -14.49 12.91
C MET C 161 5.70 -13.44 11.89
N THR C 162 4.59 -12.75 12.18
CA THR C 162 4.08 -11.66 11.30
C THR C 162 5.15 -10.54 11.24
N VAL C 163 5.71 -10.19 12.40
CA VAL C 163 6.78 -9.19 12.49
C VAL C 163 7.99 -9.63 11.64
N ALA C 164 8.39 -10.94 11.74
CA ALA C 164 9.49 -11.48 10.94
C ALA C 164 9.19 -11.38 9.45
N LYS C 165 7.92 -11.62 9.04
CA LYS C 165 7.56 -11.50 7.61
C LYS C 165 7.63 -10.04 7.12
N SER C 166 7.21 -9.06 7.96
CA SER C 166 7.36 -7.64 7.60
C SER C 166 8.85 -7.34 7.35
N ALA C 167 9.74 -7.87 8.21
CA ALA C 167 11.18 -7.68 8.03
C ALA C 167 11.64 -8.37 6.74
N LEU C 168 11.15 -9.62 6.46
CA LEU C 168 11.50 -10.37 5.24
C LEU C 168 11.15 -9.57 3.96
N GLU C 169 9.97 -8.98 3.93
CA GLU C 169 9.54 -8.17 2.76
C GLU C 169 10.55 -7.03 2.51
N SER C 170 11.02 -6.39 3.59
CA SER C 170 12.01 -5.31 3.48
C SER C 170 13.34 -5.89 2.98
N VAL C 171 13.79 -7.02 3.55
CA VAL C 171 15.02 -7.68 3.14
C VAL C 171 14.98 -8.01 1.65
N ASN C 172 13.84 -8.54 1.17
CA ASN C 172 13.66 -8.89 -0.26
C ASN C 172 13.92 -7.70 -1.18
N ARG C 173 13.48 -6.48 -0.77
CA ARG C 173 13.68 -5.28 -1.60
C ARG C 173 15.16 -4.90 -1.70
N PHE C 174 15.93 -5.11 -0.62
CA PHE C 174 17.38 -4.85 -0.60
C PHE C 174 18.14 -5.94 -1.35
N VAL C 175 17.70 -7.19 -1.20
CA VAL C 175 18.32 -8.31 -1.94
C VAL C 175 18.15 -8.06 -3.45
N ALA C 176 16.98 -7.52 -3.89
CA ALA C 176 16.76 -7.25 -5.31
C ALA C 176 17.82 -6.26 -5.86
N ARG C 177 18.22 -5.24 -5.04
CA ARG C 177 19.25 -4.27 -5.41
C ARG C 177 20.56 -5.01 -5.71
N GLU C 178 20.97 -5.91 -4.82
CA GLU C 178 22.21 -6.68 -5.01
C GLU C 178 22.10 -7.68 -6.15
N ALA C 179 20.98 -8.44 -6.19
CA ALA C 179 20.77 -9.46 -7.23
C ALA C 179 20.76 -8.87 -8.62
N GLY C 180 20.25 -7.64 -8.76
CA GLY C 180 20.19 -6.94 -10.04
C GLY C 180 21.55 -6.78 -10.69
N LYS C 181 22.63 -6.61 -9.88
CA LYS C 181 24.03 -6.51 -10.37
C LYS C 181 24.47 -7.79 -11.11
N TYR C 182 23.83 -8.94 -10.81
CA TYR C 182 24.10 -10.24 -11.42
C TYR C 182 23.08 -10.59 -12.52
N GLY C 183 22.13 -9.66 -12.77
CA GLY C 183 21.04 -9.91 -13.70
C GLY C 183 20.04 -10.92 -13.16
N VAL C 184 19.93 -10.99 -11.83
CA VAL C 184 19.10 -11.93 -11.09
C VAL C 184 17.92 -11.20 -10.44
N ARG C 185 16.72 -11.81 -10.48
CA ARG C 185 15.51 -11.27 -9.84
C ARG C 185 15.37 -11.87 -8.44
N SER C 186 14.72 -11.12 -7.54
CA SER C 186 14.45 -11.56 -6.18
C SER C 186 12.99 -11.24 -5.87
N ASN C 187 12.17 -12.23 -5.47
CA ASN C 187 10.75 -11.97 -5.21
C ASN C 187 10.25 -12.89 -4.13
N LEU C 188 9.13 -12.53 -3.50
CA LEU C 188 8.50 -13.40 -2.52
C LEU C 188 7.15 -13.87 -3.05
N VAL C 189 6.73 -15.07 -2.63
CA VAL C 189 5.37 -15.56 -2.91
C VAL C 189 4.66 -15.50 -1.57
N ALA C 190 3.64 -14.66 -1.46
CA ALA C 190 2.81 -14.57 -0.27
C ALA C 190 1.68 -15.61 -0.39
N ALA C 191 1.79 -16.68 0.38
CA ALA C 191 0.81 -17.79 0.29
C ALA C 191 -0.31 -17.62 1.32
N GLY C 192 -1.47 -18.21 1.03
CA GLY C 192 -2.52 -18.31 2.02
C GLY C 192 -2.12 -19.42 3.00
N PRO C 193 -2.88 -19.66 4.09
CA PRO C 193 -2.48 -20.71 5.05
C PRO C 193 -2.50 -22.12 4.48
N ILE C 194 -1.46 -22.91 4.77
CA ILE C 194 -1.35 -24.27 4.29
C ILE C 194 -1.10 -25.17 5.53
N ARG C 195 -1.79 -26.30 5.58
CA ARG C 195 -1.61 -27.33 6.64
C ARG C 195 -0.26 -28.09 6.45
N THR C 196 0.88 -27.54 6.98
CA THR C 196 2.20 -28.18 6.81
C THR C 196 2.58 -29.03 8.04
N GLN C 216 -8.18 -21.20 13.38
CA GLN C 216 -9.23 -21.88 12.65
C GLN C 216 -10.22 -20.89 12.03
N LEU C 217 -10.67 -19.87 12.79
CA LEU C 217 -11.58 -18.81 12.32
C LEU C 217 -10.87 -17.94 11.27
N LEU C 218 -9.64 -17.48 11.60
CA LEU C 218 -8.78 -16.67 10.73
C LEU C 218 -8.56 -17.44 9.41
N GLU C 219 -8.18 -18.72 9.50
CA GLU C 219 -7.96 -19.61 8.37
C GLU C 219 -9.18 -19.84 7.46
N GLU C 220 -10.38 -20.05 8.06
CA GLU C 220 -11.64 -20.28 7.33
C GLU C 220 -12.16 -19.03 6.62
N GLY C 221 -11.78 -17.85 7.14
CA GLY C 221 -12.12 -16.56 6.57
C GLY C 221 -11.47 -16.37 5.21
N TRP C 222 -10.33 -17.06 5.00
CA TRP C 222 -9.55 -17.04 3.76
C TRP C 222 -10.35 -17.57 2.61
N ASP C 223 -10.90 -18.79 2.75
CA ASP C 223 -11.72 -19.40 1.70
C ASP C 223 -12.94 -18.52 1.42
N GLN C 224 -13.52 -17.87 2.45
CA GLN C 224 -14.67 -16.97 2.28
C GLN C 224 -14.28 -15.72 1.47
N ARG C 225 -13.18 -15.04 1.86
CA ARG C 225 -12.71 -13.83 1.18
C ARG C 225 -12.19 -14.07 -0.24
N ALA C 226 -11.52 -15.21 -0.46
CA ALA C 226 -10.92 -15.55 -1.76
C ALA C 226 -11.98 -15.69 -2.87
N PRO C 227 -11.99 -14.82 -3.91
CA PRO C 227 -13.00 -14.96 -4.97
C PRO C 227 -12.98 -16.31 -5.69
N ILE C 228 -11.83 -17.01 -5.69
CA ILE C 228 -11.66 -18.32 -6.33
C ILE C 228 -11.51 -19.44 -5.28
N GLY C 229 -11.76 -19.09 -4.02
CA GLY C 229 -11.67 -20.02 -2.91
C GLY C 229 -10.23 -20.29 -2.51
N TRP C 230 -10.07 -20.98 -1.36
CA TRP C 230 -8.75 -21.32 -0.87
C TRP C 230 -8.80 -22.68 -0.20
N ASN C 231 -7.97 -23.59 -0.66
CA ASN C 231 -7.88 -24.94 -0.09
C ASN C 231 -6.59 -25.04 0.73
N MET C 232 -6.70 -24.93 2.05
CA MET C 232 -5.54 -25.03 2.97
C MET C 232 -4.81 -26.38 2.92
N LYS C 233 -5.45 -27.43 2.39
CA LYS C 233 -4.83 -28.77 2.31
C LYS C 233 -4.06 -28.98 1.00
N ASP C 234 -4.06 -27.99 0.11
CA ASP C 234 -3.43 -28.10 -1.19
C ASP C 234 -2.31 -27.06 -1.44
N ALA C 235 -1.05 -27.52 -1.38
CA ALA C 235 0.11 -26.63 -1.63
C ALA C 235 0.45 -26.45 -3.10
N THR C 236 -0.14 -27.27 -4.01
CA THR C 236 0.19 -27.23 -5.44
C THR C 236 0.01 -25.82 -6.07
N PRO C 237 -1.09 -25.05 -5.84
CA PRO C 237 -1.17 -23.72 -6.48
C PRO C 237 -0.02 -22.79 -6.05
N VAL C 238 0.46 -22.96 -4.79
CA VAL C 238 1.59 -22.17 -4.27
C VAL C 238 2.88 -22.61 -4.99
N ALA C 239 3.12 -23.95 -5.10
CA ALA C 239 4.28 -24.50 -5.79
C ALA C 239 4.32 -24.05 -7.24
N LYS C 240 3.16 -24.02 -7.93
CA LYS C 240 3.07 -23.57 -9.33
C LYS C 240 3.48 -22.10 -9.45
N THR C 241 3.00 -21.25 -8.52
CA THR C 241 3.35 -19.81 -8.49
C THR C 241 4.86 -19.60 -8.33
N VAL C 242 5.49 -20.34 -7.41
CA VAL C 242 6.94 -20.27 -7.22
C VAL C 242 7.64 -20.64 -8.55
N CYS C 243 7.20 -21.75 -9.19
CA CYS C 243 7.79 -22.15 -10.47
C CYS C 243 7.60 -21.09 -11.56
N ALA C 244 6.46 -20.37 -11.57
CA ALA C 244 6.25 -19.29 -12.54
C ALA C 244 7.36 -18.21 -12.34
N LEU C 245 7.69 -17.87 -11.07
CA LEU C 245 8.76 -16.89 -10.80
C LEU C 245 10.14 -17.42 -11.15
N LEU C 246 10.35 -18.75 -11.04
CA LEU C 246 11.63 -19.37 -11.39
C LEU C 246 11.83 -19.43 -12.90
N SER C 247 10.71 -19.34 -13.65
CA SER C 247 10.72 -19.41 -15.11
C SER C 247 11.15 -18.09 -15.75
N ASP C 248 11.19 -18.06 -17.09
CA ASP C 248 11.55 -16.87 -17.86
C ASP C 248 10.31 -16.01 -18.18
N TRP C 249 9.13 -16.34 -17.58
CA TRP C 249 7.85 -15.70 -17.90
C TRP C 249 7.49 -14.48 -17.06
N LEU C 250 8.28 -14.11 -16.04
CA LEU C 250 8.05 -12.86 -15.27
C LEU C 250 9.44 -12.14 -15.24
N PRO C 251 9.96 -11.76 -16.43
CA PRO C 251 11.34 -11.26 -16.51
C PRO C 251 11.57 -9.84 -16.03
N ALA C 252 10.47 -9.10 -15.78
CA ALA C 252 10.57 -7.70 -15.38
C ALA C 252 10.03 -7.43 -13.97
N THR C 253 9.94 -8.49 -13.16
CA THR C 253 9.44 -8.40 -11.81
C THR C 253 10.58 -8.70 -10.83
N THR C 254 10.87 -7.74 -9.95
CA THR C 254 11.90 -7.92 -8.91
C THR C 254 11.62 -7.04 -7.70
N GLY C 255 12.16 -7.45 -6.56
CA GLY C 255 11.95 -6.81 -5.25
C GLY C 255 10.48 -6.83 -4.84
N ASP C 256 9.71 -7.73 -5.46
CA ASP C 256 8.26 -7.75 -5.38
C ASP C 256 7.64 -8.93 -4.66
N ILE C 257 6.29 -8.91 -4.52
CA ILE C 257 5.54 -9.93 -3.83
C ILE C 257 4.38 -10.37 -4.75
N ILE C 258 4.31 -11.67 -5.04
CA ILE C 258 3.21 -12.27 -5.82
C ILE C 258 2.35 -13.00 -4.82
N TYR C 259 1.03 -12.71 -4.82
CA TYR C 259 0.12 -13.32 -3.84
C TYR C 259 -0.55 -14.57 -4.40
N ALA C 260 -0.24 -15.73 -3.81
CA ALA C 260 -0.88 -17.01 -4.19
C ALA C 260 -1.76 -17.33 -2.99
N ASP C 261 -2.84 -16.56 -2.86
CA ASP C 261 -3.71 -16.64 -1.67
C ASP C 261 -5.22 -16.73 -2.02
N GLY C 262 -5.54 -17.08 -3.27
CA GLY C 262 -6.90 -17.14 -3.77
C GLY C 262 -7.52 -15.75 -3.99
N GLY C 263 -6.70 -14.70 -3.89
CA GLY C 263 -7.13 -13.30 -3.95
C GLY C 263 -7.73 -12.80 -2.65
N ALA C 264 -7.56 -13.55 -1.55
CA ALA C 264 -8.16 -13.16 -0.26
C ALA C 264 -7.73 -11.77 0.20
N HIS C 265 -6.43 -11.41 0.01
CA HIS C 265 -5.93 -10.12 0.50
C HIS C 265 -6.54 -8.91 -0.25
N THR C 266 -7.28 -9.16 -1.34
CA THR C 266 -7.88 -8.07 -2.14
C THR C 266 -9.33 -7.78 -1.74
N GLN C 267 -9.87 -8.55 -0.78
CA GLN C 267 -11.26 -8.47 -0.38
C GLN C 267 -11.40 -8.30 1.12
N LEU C 268 -12.31 -7.42 1.52
CA LEU C 268 -12.55 -7.19 2.94
C LEU C 268 -13.46 -8.25 3.52
N LEU C 269 -14.51 -8.62 2.78
CA LEU C 269 -15.52 -9.61 3.15
C LEU C 269 -15.95 -10.37 1.89
N THR D 2 -10.46 29.77 23.61
CA THR D 2 -9.13 29.24 23.30
C THR D 2 -9.26 27.83 22.66
N GLY D 3 -9.83 27.82 21.47
CA GLY D 3 -10.08 26.61 20.71
C GLY D 3 -9.00 26.30 19.70
N LEU D 4 -9.07 25.06 19.20
CA LEU D 4 -8.14 24.49 18.24
C LEU D 4 -8.11 25.28 16.92
N LEU D 5 -9.25 25.87 16.54
CA LEU D 5 -9.40 26.59 15.27
C LEU D 5 -9.76 28.07 15.48
N ASP D 6 -9.34 28.65 16.62
CA ASP D 6 -9.60 30.06 16.97
C ASP D 6 -9.20 31.02 15.86
N GLY D 7 -10.17 31.80 15.40
CA GLY D 7 -9.96 32.81 14.37
C GLY D 7 -9.89 32.28 12.94
N LYS D 8 -9.96 30.95 12.75
CA LYS D 8 -9.88 30.40 11.39
C LYS D 8 -11.20 30.54 10.63
N ARG D 9 -11.11 30.89 9.35
CA ARG D 9 -12.28 30.99 8.48
C ARG D 9 -12.35 29.72 7.65
N ILE D 10 -13.42 28.95 7.83
CA ILE D 10 -13.53 27.62 7.20
C ILE D 10 -14.82 27.41 6.43
N LEU D 11 -14.70 26.93 5.18
CA LEU D 11 -15.85 26.58 4.37
C LEU D 11 -16.17 25.11 4.60
N VAL D 12 -17.46 24.80 4.87
CA VAL D 12 -17.92 23.44 5.09
C VAL D 12 -19.07 23.12 4.16
N SER D 13 -18.87 22.15 3.28
CA SER D 13 -19.87 21.69 2.33
C SER D 13 -20.45 20.36 2.85
N GLY D 14 -21.60 19.95 2.31
CA GLY D 14 -22.12 18.63 2.59
C GLY D 14 -23.14 18.43 3.71
N ILE D 15 -23.65 19.50 4.30
CA ILE D 15 -24.73 19.35 5.29
C ILE D 15 -26.05 19.15 4.51
N ILE D 16 -26.78 18.08 4.84
CA ILE D 16 -28.13 17.82 4.32
C ILE D 16 -29.08 17.57 5.51
N THR D 17 -28.62 16.81 6.53
CA THR D 17 -29.39 16.53 7.75
C THR D 17 -28.48 16.75 8.95
N ASP D 18 -29.04 16.69 10.19
CA ASP D 18 -28.22 16.83 11.38
C ASP D 18 -27.46 15.51 11.69
N SER D 19 -27.62 14.48 10.84
CA SER D 19 -26.86 13.22 10.96
C SER D 19 -25.67 13.24 9.97
N SER D 20 -25.64 14.25 9.05
CA SER D 20 -24.55 14.39 8.06
C SER D 20 -23.21 14.51 8.80
N ILE D 21 -22.16 13.83 8.32
CA ILE D 21 -20.83 13.99 8.92
C ILE D 21 -20.46 15.50 8.92
N ALA D 22 -20.81 16.23 7.82
CA ALA D 22 -20.49 17.65 7.72
C ALA D 22 -21.14 18.48 8.84
N PHE D 23 -22.34 18.07 9.31
CA PHE D 23 -23.02 18.77 10.41
C PHE D 23 -22.16 18.68 11.64
N HIS D 24 -21.65 17.47 11.93
CA HIS D 24 -20.77 17.28 13.09
C HIS D 24 -19.45 18.00 12.92
N ILE D 25 -18.86 17.97 11.69
CA ILE D 25 -17.61 18.69 11.45
C ILE D 25 -17.85 20.19 11.74
N ALA D 26 -18.94 20.77 11.20
CA ALA D 26 -19.26 22.19 11.39
C ALA D 26 -19.43 22.53 12.89
N ARG D 27 -20.17 21.68 13.63
CA ARG D 27 -20.42 21.85 15.06
C ARG D 27 -19.12 21.88 15.84
N VAL D 28 -18.27 20.86 15.65
CA VAL D 28 -16.98 20.78 16.35
C VAL D 28 -16.08 21.99 16.00
N ALA D 29 -16.06 22.40 14.71
CA ALA D 29 -15.25 23.53 14.27
C ALA D 29 -15.68 24.82 14.94
N GLN D 30 -17.01 25.04 15.08
CA GLN D 30 -17.56 26.23 15.76
C GLN D 30 -17.26 26.20 17.25
N GLU D 31 -17.37 25.03 17.88
CA GLU D 31 -17.04 24.82 19.29
C GLU D 31 -15.56 25.17 19.51
N GLN D 32 -14.72 24.93 18.47
CA GLN D 32 -13.30 25.19 18.54
C GLN D 32 -12.88 26.59 18.03
N GLY D 33 -13.85 27.51 17.94
CA GLY D 33 -13.59 28.90 17.61
C GLY D 33 -13.55 29.32 16.16
N ALA D 34 -13.83 28.38 15.22
CA ALA D 34 -13.82 28.72 13.80
C ALA D 34 -15.04 29.54 13.38
N GLN D 35 -14.86 30.36 12.33
CA GLN D 35 -15.91 31.17 11.72
C GLN D 35 -16.22 30.48 10.40
N LEU D 36 -17.44 29.95 10.26
CA LEU D 36 -17.81 29.17 9.09
C LEU D 36 -18.56 29.87 7.98
N VAL D 37 -18.42 29.30 6.77
CA VAL D 37 -19.20 29.58 5.57
C VAL D 37 -19.68 28.19 5.16
N LEU D 38 -20.99 28.02 5.01
CA LEU D 38 -21.54 26.71 4.64
C LEU D 38 -22.03 26.70 3.21
N THR D 39 -21.93 25.54 2.54
CA THR D 39 -22.47 25.38 1.20
C THR D 39 -23.42 24.21 1.22
N GLY D 40 -24.52 24.34 0.51
CA GLY D 40 -25.48 23.26 0.41
C GLY D 40 -26.04 23.12 -0.96
N PHE D 41 -26.67 21.98 -1.22
CA PHE D 41 -27.35 21.77 -2.48
C PHE D 41 -28.77 21.25 -2.25
N LEU D 46 -34.27 24.61 2.33
CA LEU D 46 -34.56 23.53 3.29
C LEU D 46 -33.35 23.13 4.15
N ILE D 47 -32.13 23.49 3.71
CA ILE D 47 -30.91 23.19 4.47
C ILE D 47 -30.72 24.21 5.60
N GLN D 48 -31.18 25.46 5.40
CA GLN D 48 -31.10 26.55 6.40
C GLN D 48 -31.70 26.16 7.75
N ARG D 49 -32.84 25.43 7.76
CA ARG D 49 -33.46 24.96 9.01
C ARG D 49 -32.57 23.94 9.75
N ILE D 50 -31.74 23.18 9.01
CA ILE D 50 -30.80 22.23 9.60
C ILE D 50 -29.56 23.02 10.09
N THR D 51 -29.03 23.92 9.26
CA THR D 51 -27.85 24.71 9.62
C THR D 51 -28.12 25.66 10.80
N ASP D 52 -29.39 26.07 11.01
CA ASP D 52 -29.83 26.88 12.15
C ASP D 52 -29.64 26.12 13.50
N ARG D 53 -29.50 24.78 13.44
CA ARG D 53 -29.29 23.93 14.62
C ARG D 53 -27.84 23.92 15.15
N LEU D 54 -26.91 24.55 14.38
CA LEU D 54 -25.50 24.66 14.76
C LEU D 54 -25.35 25.69 15.89
N PRO D 55 -24.25 25.62 16.72
CA PRO D 55 -24.13 26.60 17.82
C PRO D 55 -24.03 28.07 17.43
N ALA D 56 -23.52 28.36 16.22
CA ALA D 56 -23.39 29.75 15.76
C ALA D 56 -23.93 29.94 14.37
N LYS D 57 -24.34 31.19 14.07
CA LYS D 57 -24.88 31.62 12.78
C LYS D 57 -23.75 31.57 11.76
N ALA D 58 -24.06 31.08 10.57
CA ALA D 58 -23.10 31.02 9.48
C ALA D 58 -23.80 31.23 8.15
N PRO D 59 -23.22 32.04 7.24
CA PRO D 59 -23.86 32.20 5.92
C PRO D 59 -23.93 30.88 5.15
N LEU D 60 -25.04 30.65 4.45
CA LEU D 60 -25.25 29.46 3.64
C LEU D 60 -25.28 29.85 2.18
N LEU D 61 -24.38 29.25 1.37
CA LEU D 61 -24.27 29.50 -0.07
C LEU D 61 -24.71 28.27 -0.85
N GLU D 62 -25.39 28.48 -1.99
CA GLU D 62 -25.78 27.33 -2.80
C GLU D 62 -24.58 26.87 -3.63
N LEU D 63 -24.35 25.55 -3.67
CA LEU D 63 -23.29 24.95 -4.47
C LEU D 63 -23.65 23.54 -4.91
N ASP D 64 -23.99 23.43 -6.20
CA ASP D 64 -24.21 22.17 -6.88
C ASP D 64 -22.87 21.99 -7.59
N VAL D 65 -22.10 20.96 -7.18
CA VAL D 65 -20.78 20.74 -7.77
C VAL D 65 -20.82 20.34 -9.26
N GLN D 66 -22.00 19.93 -9.78
CA GLN D 66 -22.15 19.61 -11.21
C GLN D 66 -22.49 20.87 -12.02
N ASN D 67 -22.64 22.00 -11.34
CA ASN D 67 -22.98 23.30 -11.94
C ASN D 67 -21.76 24.20 -12.08
N GLU D 68 -21.24 24.33 -13.32
CA GLU D 68 -20.05 25.13 -13.64
C GLU D 68 -20.19 26.63 -13.29
N GLU D 69 -21.42 27.18 -13.37
CA GLU D 69 -21.69 28.57 -13.01
C GLU D 69 -21.58 28.76 -11.50
N HIS D 70 -22.08 27.79 -10.70
CA HIS D 70 -21.97 27.84 -9.23
C HIS D 70 -20.48 27.82 -8.85
N LEU D 71 -19.67 26.99 -9.53
CA LEU D 71 -18.24 26.89 -9.27
C LEU D 71 -17.48 28.15 -9.67
N ALA D 72 -17.84 28.75 -10.83
CA ALA D 72 -17.21 29.97 -11.34
C ALA D 72 -17.45 31.19 -10.43
N SER D 73 -18.61 31.24 -9.76
CA SER D 73 -18.99 32.35 -8.89
C SER D 73 -18.68 32.12 -7.41
N LEU D 74 -18.34 30.88 -7.04
CA LEU D 74 -18.11 30.49 -5.64
C LEU D 74 -17.15 31.40 -4.87
N ALA D 75 -15.90 31.61 -5.37
CA ALA D 75 -14.92 32.44 -4.66
C ALA D 75 -15.45 33.86 -4.36
N GLY D 76 -16.07 34.49 -5.37
CA GLY D 76 -16.66 35.82 -5.25
C GLY D 76 -17.73 35.86 -4.17
N ARG D 77 -18.61 34.85 -4.16
CA ARG D 77 -19.70 34.73 -3.17
C ARG D 77 -19.17 34.51 -1.76
N VAL D 78 -18.10 33.69 -1.61
CA VAL D 78 -17.45 33.45 -0.32
C VAL D 78 -16.82 34.75 0.20
N THR D 79 -16.08 35.49 -0.68
CA THR D 79 -15.42 36.76 -0.31
C THR D 79 -16.46 37.74 0.22
N GLU D 80 -17.63 37.80 -0.44
CA GLU D 80 -18.73 38.68 -0.02
C GLU D 80 -19.22 38.29 1.39
N ALA D 81 -19.31 36.97 1.65
CA ALA D 81 -19.74 36.43 2.96
C ALA D 81 -18.72 36.67 4.07
N ILE D 82 -17.41 36.55 3.80
CA ILE D 82 -16.40 36.72 4.86
C ILE D 82 -15.83 38.13 4.98
N GLY D 83 -16.14 38.99 3.99
CA GLY D 83 -15.68 40.37 3.96
C GLY D 83 -14.45 40.57 3.11
N ALA D 84 -14.43 41.65 2.31
CA ALA D 84 -13.28 41.98 1.46
C ALA D 84 -11.99 42.06 2.28
N GLY D 85 -10.92 41.49 1.74
CA GLY D 85 -9.62 41.49 2.41
C GLY D 85 -9.39 40.25 3.26
N ASN D 86 -10.44 39.46 3.52
CA ASN D 86 -10.32 38.21 4.29
C ASN D 86 -10.28 37.02 3.37
N LYS D 87 -9.54 35.97 3.77
CA LYS D 87 -9.39 34.73 3.01
C LYS D 87 -9.74 33.54 3.89
N LEU D 88 -9.96 32.37 3.26
CA LEU D 88 -10.26 31.12 3.96
C LEU D 88 -8.99 30.46 4.45
N ASP D 89 -9.07 29.84 5.63
CA ASP D 89 -7.98 29.04 6.19
C ASP D 89 -8.25 27.54 5.97
N GLY D 90 -9.50 27.19 5.75
CA GLY D 90 -9.88 25.80 5.57
C GLY D 90 -11.05 25.59 4.64
N VAL D 91 -11.08 24.38 4.04
CA VAL D 91 -12.14 23.93 3.16
C VAL D 91 -12.43 22.47 3.48
N VAL D 92 -13.72 22.12 3.68
CA VAL D 92 -14.14 20.74 3.93
C VAL D 92 -15.05 20.28 2.82
N HIS D 93 -14.64 19.23 2.10
CA HIS D 93 -15.43 18.55 1.09
C HIS D 93 -16.05 17.33 1.76
N SER D 94 -17.39 17.36 1.99
CA SER D 94 -18.06 16.22 2.61
C SER D 94 -19.26 15.87 1.73
N ILE D 95 -18.96 15.65 0.46
CA ILE D 95 -19.93 15.40 -0.61
C ILE D 95 -19.71 14.04 -1.23
N GLY D 96 -20.80 13.29 -1.37
CA GLY D 96 -20.74 11.97 -1.99
C GLY D 96 -22.09 11.58 -2.52
N PHE D 97 -22.10 10.86 -3.63
CA PHE D 97 -23.34 10.39 -4.25
C PHE D 97 -23.05 9.26 -5.18
N MET D 98 -23.93 8.26 -5.16
CA MET D 98 -23.91 7.16 -6.10
C MET D 98 -25.34 6.69 -6.29
N PRO D 99 -25.89 6.67 -7.52
CA PRO D 99 -27.25 6.16 -7.71
C PRO D 99 -27.40 4.70 -7.21
N GLN D 100 -28.66 4.30 -6.94
CA GLN D 100 -29.03 2.97 -6.47
C GLN D 100 -28.52 1.86 -7.40
N THR D 101 -28.34 2.15 -8.70
CA THR D 101 -27.83 1.14 -9.65
C THR D 101 -26.32 0.81 -9.37
N GLY D 102 -25.61 1.73 -8.73
CA GLY D 102 -24.18 1.60 -8.45
C GLY D 102 -23.77 1.19 -7.05
N MET D 103 -24.72 1.26 -6.08
CA MET D 103 -24.43 0.82 -4.71
C MET D 103 -25.69 0.30 -4.05
N GLY D 104 -25.53 -0.78 -3.30
CA GLY D 104 -26.66 -1.43 -2.63
C GLY D 104 -26.81 -2.86 -3.09
N ILE D 105 -28.04 -3.26 -3.47
CA ILE D 105 -28.34 -4.63 -3.86
C ILE D 105 -28.09 -4.91 -5.34
N ASN D 106 -28.03 -3.88 -6.17
CA ASN D 106 -27.88 -4.05 -7.61
C ASN D 106 -26.56 -4.73 -7.98
N PRO D 107 -26.54 -5.76 -8.85
CA PRO D 107 -25.27 -6.38 -9.24
C PRO D 107 -24.27 -5.36 -9.80
N PHE D 108 -23.00 -5.57 -9.47
CA PHE D 108 -21.90 -4.68 -9.89
C PHE D 108 -21.94 -4.43 -11.42
N PHE D 109 -22.19 -5.48 -12.19
CA PHE D 109 -22.25 -5.41 -13.65
C PHE D 109 -23.46 -4.68 -14.22
N ASP D 110 -24.50 -4.44 -13.40
CA ASP D 110 -25.73 -3.84 -13.92
C ASP D 110 -25.82 -2.34 -13.74
N ALA D 111 -24.71 -1.69 -13.35
CA ALA D 111 -24.70 -0.24 -13.19
C ALA D 111 -24.39 0.42 -14.54
N PRO D 112 -25.32 1.19 -15.14
CA PRO D 112 -25.00 1.84 -16.43
C PRO D 112 -23.97 2.95 -16.24
N TYR D 113 -23.12 3.18 -17.26
CA TYR D 113 -22.10 4.21 -17.12
C TYR D 113 -22.62 5.60 -16.80
N ALA D 114 -23.81 6.01 -17.32
CA ALA D 114 -24.33 7.34 -17.00
C ALA D 114 -24.47 7.55 -15.47
N ASP D 115 -24.90 6.50 -14.75
CA ASP D 115 -25.08 6.53 -13.30
C ASP D 115 -23.72 6.54 -12.59
N VAL D 116 -22.81 5.66 -13.02
CA VAL D 116 -21.44 5.62 -12.46
C VAL D 116 -20.74 6.99 -12.65
N SER D 117 -20.80 7.55 -13.88
CA SER D 117 -20.20 8.84 -14.19
C SER D 117 -20.75 9.95 -13.31
N LYS D 118 -22.08 9.97 -13.08
CA LYS D 118 -22.67 11.00 -12.21
C LYS D 118 -22.07 10.86 -10.78
N GLY D 119 -21.97 9.64 -10.30
CA GLY D 119 -21.43 9.31 -8.99
C GLY D 119 -19.97 9.72 -8.86
N ILE D 120 -19.18 9.48 -9.91
CA ILE D 120 -17.75 9.86 -9.93
C ILE D 120 -17.60 11.38 -10.01
N HIS D 121 -18.47 12.07 -10.80
CA HIS D 121 -18.43 13.51 -10.90
C HIS D 121 -18.56 14.14 -9.49
N ILE D 122 -19.61 13.75 -8.78
CA ILE D 122 -19.93 14.31 -7.48
C ILE D 122 -18.96 13.87 -6.39
N SER D 123 -18.60 12.59 -6.38
CA SER D 123 -17.80 12.02 -5.28
C SER D 123 -16.26 12.19 -5.43
N ALA D 124 -15.75 12.34 -6.66
CA ALA D 124 -14.30 12.41 -6.87
C ALA D 124 -13.84 13.66 -7.60
N TYR D 125 -14.36 13.87 -8.83
CA TYR D 125 -13.95 15.02 -9.63
C TYR D 125 -14.21 16.34 -8.91
N SER D 126 -15.35 16.45 -8.18
CA SER D 126 -15.68 17.71 -7.48
C SER D 126 -14.67 18.11 -6.40
N TYR D 127 -13.84 17.13 -5.90
CA TYR D 127 -12.82 17.51 -4.93
C TYR D 127 -11.82 18.44 -5.63
N ALA D 128 -11.48 18.12 -6.89
CA ALA D 128 -10.62 18.97 -7.71
C ALA D 128 -11.33 20.32 -8.06
N SER D 129 -12.64 20.28 -8.42
CA SER D 129 -13.40 21.51 -8.77
C SER D 129 -13.41 22.49 -7.62
N MET D 130 -13.68 21.99 -6.40
CA MET D 130 -13.74 22.82 -5.21
C MET D 130 -12.39 23.48 -4.89
N ALA D 131 -11.29 22.69 -5.00
CA ALA D 131 -9.95 23.19 -4.77
C ALA D 131 -9.61 24.26 -5.81
N LYS D 132 -9.98 24.05 -7.08
CA LYS D 132 -9.70 25.02 -8.15
C LYS D 132 -10.39 26.35 -7.86
N ALA D 133 -11.65 26.28 -7.43
CA ALA D 133 -12.45 27.48 -7.12
C ALA D 133 -11.96 28.23 -5.88
N LEU D 134 -11.53 27.50 -4.83
CA LEU D 134 -11.20 28.10 -3.55
C LEU D 134 -9.73 28.38 -3.26
N LEU D 135 -8.76 27.66 -3.88
CA LEU D 135 -7.36 27.96 -3.63
C LEU D 135 -6.98 29.45 -3.82
N PRO D 136 -7.53 30.16 -4.86
CA PRO D 136 -7.19 31.59 -5.03
C PRO D 136 -7.60 32.49 -3.85
N ILE D 137 -8.49 32.00 -2.97
CA ILE D 137 -8.92 32.76 -1.79
C ILE D 137 -8.54 32.07 -0.47
N MET D 138 -7.45 31.27 -0.49
CA MET D 138 -6.98 30.60 0.72
C MET D 138 -5.66 31.17 1.20
N ASN D 139 -5.49 31.27 2.52
CA ASN D 139 -4.26 31.76 3.13
C ASN D 139 -3.18 30.68 3.15
N PRO D 140 -1.88 31.06 3.13
CA PRO D 140 -0.82 30.06 3.31
C PRO D 140 -1.01 29.40 4.68
N GLY D 141 -0.67 28.12 4.77
CA GLY D 141 -0.86 27.33 5.98
C GLY D 141 -2.27 26.78 6.08
N GLY D 142 -3.06 27.04 5.03
CA GLY D 142 -4.44 26.58 4.90
C GLY D 142 -4.55 25.08 4.72
N SER D 143 -5.79 24.57 4.78
CA SER D 143 -6.02 23.12 4.74
C SER D 143 -7.32 22.75 4.03
N ILE D 144 -7.25 21.82 3.07
CA ILE D 144 -8.41 21.27 2.36
C ILE D 144 -8.56 19.82 2.85
N VAL D 145 -9.76 19.44 3.29
CA VAL D 145 -9.99 18.08 3.79
C VAL D 145 -11.23 17.48 3.10
N GLY D 146 -11.10 16.25 2.60
CA GLY D 146 -12.23 15.52 2.00
C GLY D 146 -12.51 14.24 2.76
N MET D 147 -13.69 13.66 2.54
CA MET D 147 -14.09 12.43 3.23
C MET D 147 -13.94 11.20 2.35
N ASP D 148 -13.34 10.15 2.91
CA ASP D 148 -13.05 8.91 2.20
C ASP D 148 -13.61 7.69 2.95
N PHE D 149 -13.76 6.58 2.24
CA PHE D 149 -14.14 5.29 2.83
C PHE D 149 -13.15 4.32 2.19
N ASP D 150 -12.23 3.77 3.00
CA ASP D 150 -11.14 2.91 2.52
C ASP D 150 -11.54 1.96 1.39
N PRO D 151 -11.05 2.22 0.15
CA PRO D 151 -11.42 1.37 -0.97
C PRO D 151 -10.29 0.41 -1.44
N SER D 152 -9.25 0.20 -0.58
N SER D 152 -9.23 0.23 -0.59
CA SER D 152 -8.09 -0.67 -0.88
CA SER D 152 -8.08 -0.64 -0.89
C SER D 152 -8.45 -2.10 -1.19
C SER D 152 -8.46 -2.08 -1.22
N ARG D 153 -9.57 -2.57 -0.62
CA ARG D 153 -10.08 -3.93 -0.82
C ARG D 153 -11.57 -3.85 -1.18
N ALA D 154 -12.02 -4.74 -2.08
CA ALA D 154 -13.43 -4.75 -2.49
C ALA D 154 -14.28 -5.31 -1.33
N MET D 155 -15.56 -4.96 -1.33
CA MET D 155 -16.49 -5.39 -0.30
C MET D 155 -17.89 -5.49 -0.90
N PRO D 156 -18.82 -6.25 -0.30
CA PRO D 156 -20.19 -6.29 -0.85
C PRO D 156 -20.87 -4.93 -0.80
N ALA D 157 -21.85 -4.73 -1.73
CA ALA D 157 -22.77 -3.60 -1.83
C ALA D 157 -22.16 -2.24 -2.19
N TYR D 158 -21.02 -1.85 -1.60
CA TYR D 158 -20.43 -0.52 -1.87
C TYR D 158 -20.06 -0.32 -3.33
N ASN D 159 -19.72 -1.41 -4.01
CA ASN D 159 -19.53 -1.48 -5.47
C ASN D 159 -18.92 -0.21 -6.11
N TRP D 160 -19.69 0.55 -6.94
CA TRP D 160 -19.14 1.69 -7.65
C TRP D 160 -18.82 2.89 -6.74
N MET D 161 -19.40 2.94 -5.50
CA MET D 161 -19.00 4.01 -4.57
C MET D 161 -17.53 3.73 -4.15
N THR D 162 -17.17 2.45 -3.99
CA THR D 162 -15.78 2.05 -3.67
C THR D 162 -14.86 2.50 -4.81
N VAL D 163 -15.29 2.28 -6.07
CA VAL D 163 -14.54 2.72 -7.25
C VAL D 163 -14.38 4.24 -7.22
N ALA D 164 -15.47 5.00 -6.92
CA ALA D 164 -15.39 6.45 -6.82
C ALA D 164 -14.40 6.90 -5.74
N LYS D 165 -14.35 6.18 -4.59
CA LYS D 165 -13.38 6.53 -3.54
C LYS D 165 -11.93 6.27 -3.97
N SER D 166 -11.67 5.17 -4.71
CA SER D 166 -10.34 4.91 -5.25
C SER D 166 -9.91 6.10 -6.15
N ALA D 167 -10.85 6.58 -6.99
CA ALA D 167 -10.60 7.75 -7.84
C ALA D 167 -10.33 8.99 -6.96
N LEU D 168 -11.16 9.22 -5.91
CA LEU D 168 -10.98 10.36 -5.00
C LEU D 168 -9.57 10.38 -4.35
N GLU D 169 -9.11 9.19 -3.89
CA GLU D 169 -7.77 9.13 -3.28
C GLU D 169 -6.69 9.60 -4.27
N SER D 170 -6.84 9.22 -5.54
CA SER D 170 -5.91 9.64 -6.58
C SER D 170 -6.02 11.15 -6.83
N VAL D 171 -7.27 11.67 -6.94
CA VAL D 171 -7.51 13.11 -7.11
C VAL D 171 -6.85 13.91 -5.98
N ASN D 172 -7.00 13.46 -4.72
CA ASN D 172 -6.41 14.13 -3.57
C ASN D 172 -4.87 14.32 -3.73
N ARG D 173 -4.18 13.30 -4.26
CA ARG D 173 -2.74 13.39 -4.44
C ARG D 173 -2.35 14.47 -5.47
N PHE D 174 -3.17 14.63 -6.51
CA PHE D 174 -2.96 15.67 -7.53
C PHE D 174 -3.35 17.05 -7.03
N VAL D 175 -4.43 17.13 -6.23
CA VAL D 175 -4.84 18.39 -5.63
C VAL D 175 -3.72 18.89 -4.69
N ALA D 176 -3.05 17.98 -3.95
CA ALA D 176 -1.95 18.36 -3.06
C ALA D 176 -0.83 19.09 -3.84
N ARG D 177 -0.53 18.63 -5.06
CA ARG D 177 0.48 19.26 -5.92
C ARG D 177 0.11 20.71 -6.19
N GLU D 178 -1.15 20.96 -6.57
CA GLU D 178 -1.62 22.32 -6.86
C GLU D 178 -1.71 23.17 -5.59
N ALA D 179 -2.30 22.60 -4.53
CA ALA D 179 -2.47 23.33 -3.26
C ALA D 179 -1.14 23.76 -2.65
N GLY D 180 -0.09 22.95 -2.84
CA GLY D 180 1.25 23.23 -2.35
C GLY D 180 1.80 24.57 -2.84
N LYS D 181 1.43 24.96 -4.07
CA LYS D 181 1.83 26.25 -4.68
C LYS D 181 1.31 27.45 -3.89
N TYR D 182 0.21 27.26 -3.12
CA TYR D 182 -0.42 28.28 -2.27
C TYR D 182 -0.04 28.11 -0.79
N GLY D 183 0.81 27.12 -0.50
CA GLY D 183 1.19 26.79 0.87
C GLY D 183 0.03 26.13 1.61
N VAL D 184 -0.85 25.45 0.86
CA VAL D 184 -2.05 24.80 1.38
C VAL D 184 -1.90 23.26 1.33
N ARG D 185 -2.36 22.57 2.39
CA ARG D 185 -2.32 21.12 2.46
C ARG D 185 -3.68 20.55 1.94
N SER D 186 -3.66 19.30 1.45
CA SER D 186 -4.86 18.62 0.97
C SER D 186 -4.80 17.19 1.50
N ASN D 187 -5.83 16.75 2.26
CA ASN D 187 -5.83 15.38 2.80
C ASN D 187 -7.23 14.81 2.86
N LEU D 188 -7.35 13.49 3.01
CA LEU D 188 -8.66 12.85 3.17
C LEU D 188 -8.73 12.20 4.55
N VAL D 189 -9.93 12.15 5.13
CA VAL D 189 -10.16 11.39 6.36
C VAL D 189 -10.96 10.16 5.95
N ALA D 190 -10.38 8.95 6.12
CA ALA D 190 -11.06 7.70 5.81
C ALA D 190 -11.79 7.26 7.07
N ALA D 191 -13.11 7.40 7.07
CA ALA D 191 -13.92 7.08 8.24
C ALA D 191 -14.42 5.63 8.17
N GLY D 192 -14.68 5.05 9.33
CA GLY D 192 -15.39 3.78 9.37
C GLY D 192 -16.87 4.06 9.07
N PRO D 193 -17.74 3.03 8.98
CA PRO D 193 -19.16 3.28 8.63
C PRO D 193 -19.91 4.08 9.71
N ILE D 194 -20.70 5.06 9.28
CA ILE D 194 -21.49 5.92 10.17
C ILE D 194 -22.97 5.81 9.84
N ARG D 195 -23.78 5.63 10.89
CA ARG D 195 -25.22 5.49 10.90
C ARG D 195 -25.86 6.83 10.61
N THR D 196 -25.74 7.28 9.34
CA THR D 196 -26.39 8.51 8.86
C THR D 196 -27.84 8.09 8.52
N LEU D 197 -28.75 9.08 8.29
CA LEU D 197 -30.16 8.84 7.94
C LEU D 197 -30.34 7.60 7.01
N ALA D 198 -29.55 7.55 5.92
CA ALA D 198 -29.55 6.48 4.91
C ALA D 198 -29.12 5.10 5.43
N MET D 199 -28.04 5.05 6.24
CA MET D 199 -27.45 3.83 6.79
C MET D 199 -28.32 3.10 7.81
N SER D 200 -29.10 3.85 8.61
CA SER D 200 -29.99 3.30 9.62
C SER D 200 -31.15 2.52 9.00
N ALA D 201 -31.61 2.96 7.81
CA ALA D 201 -32.69 2.35 7.02
C ALA D 201 -32.29 0.93 6.58
N ILE D 202 -31.04 0.77 6.06
CA ILE D 202 -30.46 -0.49 5.58
C ILE D 202 -30.46 -1.54 6.69
N VAL D 203 -30.00 -1.15 7.90
CA VAL D 203 -29.96 -1.98 9.11
C VAL D 203 -31.38 -2.47 9.47
N GLY D 204 -32.34 -1.55 9.40
CA GLY D 204 -33.76 -1.80 9.68
C GLY D 204 -34.44 -2.79 8.74
N GLY D 205 -33.92 -2.89 7.52
CA GLY D 205 -34.45 -3.83 6.55
C GLY D 205 -34.89 -3.25 5.23
N ALA D 206 -34.57 -1.97 4.96
CA ALA D 206 -34.93 -1.32 3.69
C ALA D 206 -34.32 -2.03 2.46
N LEU D 207 -33.12 -2.64 2.60
CA LEU D 207 -32.44 -3.36 1.53
C LEU D 207 -32.87 -4.83 1.39
N GLY D 208 -33.63 -5.36 2.34
CA GLY D 208 -34.08 -6.74 2.32
C GLY D 208 -33.28 -7.63 3.26
N GLU D 209 -33.68 -8.90 3.41
CA GLU D 209 -33.05 -9.88 4.31
C GLU D 209 -31.57 -10.20 4.01
N GLU D 210 -31.26 -10.61 2.76
CA GLU D 210 -29.93 -11.02 2.32
C GLU D 210 -28.87 -9.93 2.44
N ALA D 211 -29.07 -8.78 1.77
CA ALA D 211 -28.10 -7.68 1.82
C ALA D 211 -28.06 -7.00 3.18
N GLY D 212 -29.20 -6.97 3.88
CA GLY D 212 -29.31 -6.40 5.22
C GLY D 212 -28.43 -7.16 6.20
N ALA D 213 -28.32 -8.50 6.03
CA ALA D 213 -27.45 -9.36 6.87
C ALA D 213 -25.96 -9.18 6.48
N GLN D 214 -25.68 -9.06 5.16
CA GLN D 214 -24.35 -8.86 4.57
C GLN D 214 -23.75 -7.56 5.08
N ILE D 215 -24.54 -6.47 5.08
CA ILE D 215 -24.12 -5.16 5.57
C ILE D 215 -23.91 -5.19 7.09
N GLN D 216 -24.76 -5.95 7.83
CA GLN D 216 -24.65 -6.10 9.28
C GLN D 216 -23.33 -6.81 9.66
N LEU D 217 -22.91 -7.84 8.88
CA LEU D 217 -21.65 -8.55 9.09
C LEU D 217 -20.49 -7.58 8.84
N LEU D 218 -20.59 -6.78 7.75
CA LEU D 218 -19.58 -5.78 7.38
C LEU D 218 -19.41 -4.79 8.56
N GLU D 219 -20.53 -4.36 9.17
CA GLU D 219 -20.55 -3.42 10.29
C GLU D 219 -20.09 -3.99 11.63
N GLU D 220 -20.52 -5.20 12.00
CA GLU D 220 -20.11 -5.88 13.23
C GLU D 220 -18.60 -6.16 13.20
N GLY D 221 -18.10 -6.52 12.01
CA GLY D 221 -16.69 -6.80 11.74
C GLY D 221 -15.77 -5.63 12.02
N TRP D 222 -16.23 -4.39 11.71
CA TRP D 222 -15.49 -3.15 11.94
C TRP D 222 -15.19 -2.93 13.41
N ASP D 223 -16.22 -3.03 14.28
CA ASP D 223 -16.06 -2.91 15.72
C ASP D 223 -15.21 -4.05 16.24
N GLN D 224 -15.34 -5.27 15.68
CA GLN D 224 -14.52 -6.41 16.08
C GLN D 224 -13.02 -6.19 15.76
N ARG D 225 -12.70 -5.80 14.52
CA ARG D 225 -11.33 -5.55 14.05
C ARG D 225 -10.65 -4.34 14.73
N ALA D 226 -11.41 -3.27 15.01
CA ALA D 226 -10.88 -2.04 15.60
C ALA D 226 -10.33 -2.29 17.02
N PRO D 227 -9.01 -2.13 17.25
CA PRO D 227 -8.48 -2.36 18.61
C PRO D 227 -9.14 -1.53 19.70
N ILE D 228 -9.64 -0.34 19.34
CA ILE D 228 -10.32 0.58 20.29
C ILE D 228 -11.84 0.60 20.07
N GLY D 229 -12.33 -0.31 19.24
CA GLY D 229 -13.74 -0.41 18.92
C GLY D 229 -14.20 0.64 17.92
N TRP D 230 -15.44 0.47 17.43
CA TRP D 230 -16.00 1.40 16.47
C TRP D 230 -17.47 1.58 16.76
N ASN D 231 -17.88 2.82 17.00
CA ASN D 231 -19.27 3.16 17.26
C ASN D 231 -19.84 3.85 16.03
N MET D 232 -20.60 3.12 15.21
CA MET D 232 -21.22 3.65 13.98
C MET D 232 -22.22 4.77 14.24
N LYS D 233 -22.77 4.83 15.46
CA LYS D 233 -23.77 5.84 15.79
C LYS D 233 -23.15 7.17 16.20
N ASP D 234 -21.81 7.25 16.24
CA ASP D 234 -21.11 8.42 16.72
C ASP D 234 -20.16 9.04 15.69
N ALA D 235 -20.55 10.19 15.10
CA ALA D 235 -19.69 10.86 14.11
C ALA D 235 -18.63 11.79 14.72
N THR D 236 -18.73 12.09 16.06
CA THR D 236 -17.80 13.01 16.73
C THR D 236 -16.30 12.63 16.55
N PRO D 237 -15.85 11.35 16.70
CA PRO D 237 -14.41 11.06 16.49
C PRO D 237 -13.94 11.43 15.08
N VAL D 238 -14.82 11.28 14.08
CA VAL D 238 -14.53 11.62 12.68
C VAL D 238 -14.43 13.16 12.56
N ALA D 239 -15.42 13.90 13.12
CA ALA D 239 -15.42 15.37 13.10
C ALA D 239 -14.14 15.92 13.77
N LYS D 240 -13.70 15.32 14.89
CA LYS D 240 -12.51 15.75 15.61
C LYS D 240 -11.26 15.55 14.73
N THR D 241 -11.18 14.40 14.00
CA THR D 241 -10.05 14.09 13.10
C THR D 241 -9.95 15.13 11.97
N VAL D 242 -11.10 15.49 11.38
CA VAL D 242 -11.14 16.54 10.35
C VAL D 242 -10.60 17.84 10.93
N CYS D 243 -11.07 18.23 12.14
CA CYS D 243 -10.58 19.45 12.78
C CYS D 243 -9.08 19.42 13.07
N ALA D 244 -8.52 18.22 13.44
CA ALA D 244 -7.07 18.09 13.62
C ALA D 244 -6.34 18.48 12.31
N LEU D 245 -6.85 18.01 11.15
CA LEU D 245 -6.25 18.35 9.85
C LEU D 245 -6.43 19.81 9.48
N LEU D 246 -7.54 20.44 9.92
CA LEU D 246 -7.79 21.86 9.67
C LEU D 246 -6.90 22.74 10.53
N SER D 247 -6.40 22.20 11.65
CA SER D 247 -5.55 22.92 12.59
C SER D 247 -4.11 23.07 12.08
N ASP D 248 -3.25 23.72 12.90
CA ASP D 248 -1.84 23.92 12.58
C ASP D 248 -0.99 22.73 13.12
N TRP D 249 -1.64 21.67 13.62
CA TRP D 249 -0.95 20.56 14.30
C TRP D 249 -0.51 19.37 13.41
N LEU D 250 -0.84 19.39 12.12
CA LEU D 250 -0.34 18.37 11.16
C LEU D 250 0.23 19.17 9.97
N PRO D 251 1.28 20.02 10.23
CA PRO D 251 1.73 20.97 9.20
C PRO D 251 2.56 20.38 8.09
N ALA D 252 2.98 19.12 8.24
CA ALA D 252 3.83 18.49 7.23
C ALA D 252 3.15 17.24 6.58
N THR D 253 1.81 17.19 6.61
CA THR D 253 1.05 16.11 6.03
C THR D 253 0.23 16.66 4.87
N THR D 254 0.43 16.12 3.68
CA THR D 254 -0.34 16.52 2.49
C THR D 254 -0.38 15.38 1.48
N GLY D 255 -1.41 15.40 0.63
CA GLY D 255 -1.73 14.37 -0.36
C GLY D 255 -1.99 13.03 0.28
N ASP D 256 -2.34 13.06 1.57
CA ASP D 256 -2.42 11.88 2.42
C ASP D 256 -3.83 11.50 2.89
N ILE D 257 -3.92 10.36 3.60
CA ILE D 257 -5.16 9.81 4.15
C ILE D 257 -4.95 9.50 5.61
N ILE D 258 -5.78 10.10 6.47
CA ILE D 258 -5.78 9.83 7.92
C ILE D 258 -7.00 8.93 8.17
N TYR D 259 -6.79 7.78 8.83
CA TYR D 259 -7.86 6.82 9.07
C TYR D 259 -8.51 7.04 10.44
N ALA D 260 -9.78 7.46 10.44
CA ALA D 260 -10.57 7.63 11.66
C ALA D 260 -11.56 6.47 11.63
N ASP D 261 -11.02 5.26 11.85
CA ASP D 261 -11.80 4.02 11.69
C ASP D 261 -11.65 3.04 12.87
N GLY D 262 -11.17 3.53 14.01
CA GLY D 262 -10.89 2.72 15.20
C GLY D 262 -9.67 1.81 15.03
N GLY D 263 -8.91 2.01 13.94
CA GLY D 263 -7.77 1.18 13.57
C GLY D 263 -8.18 -0.12 12.89
N ALA D 264 -9.46 -0.25 12.47
CA ALA D 264 -9.94 -1.49 11.82
C ALA D 264 -9.13 -1.90 10.59
N HIS D 265 -8.72 -0.92 9.72
CA HIS D 265 -7.99 -1.25 8.51
C HIS D 265 -6.57 -1.81 8.76
N THR D 266 -6.10 -1.78 10.02
CA THR D 266 -4.75 -2.29 10.37
C THR D 266 -4.79 -3.74 10.87
N GLN D 267 -6.00 -4.31 10.96
CA GLN D 267 -6.17 -5.65 11.52
C GLN D 267 -6.97 -6.56 10.59
N LEU D 268 -6.53 -7.81 10.48
CA LEU D 268 -7.21 -8.80 9.64
C LEU D 268 -8.39 -9.42 10.37
N LEU D 269 -8.20 -9.70 11.66
CA LEU D 269 -9.21 -10.30 12.54
C LEU D 269 -9.07 -9.73 13.95
PA NAD E . 19.02 10.41 18.08
O1A NAD E . 20.37 9.81 17.93
O2A NAD E . 19.07 11.84 18.60
O5B NAD E . 17.98 9.58 18.98
C5B NAD E . 18.10 8.14 19.10
C4B NAD E . 18.03 7.85 20.57
O4B NAD E . 18.01 6.43 20.81
C3B NAD E . 19.15 8.44 21.44
O3B NAD E . 18.63 9.29 22.46
C2B NAD E . 19.81 7.20 22.05
O2B NAD E . 20.32 7.40 23.36
C1B NAD E . 18.61 6.26 22.07
N9A NAD E . 18.94 4.84 22.26
C8A NAD E . 19.88 4.09 21.61
N7A NAD E . 20.13 2.95 22.18
C5A NAD E . 19.25 2.91 23.26
C6A NAD E . 19.02 1.96 24.26
N6A NAD E . 19.69 0.80 24.36
N1A NAD E . 18.08 2.24 25.21
C2A NAD E . 17.40 3.38 25.11
N3A NAD E . 17.51 4.35 24.19
C4A NAD E . 18.48 4.06 23.30
O3 NAD E . 18.36 10.47 16.63
PN NAD E . 16.92 10.90 16.11
O1N NAD E . 17.08 11.32 14.71
O2N NAD E . 16.29 11.85 17.06
O5D NAD E . 16.09 9.54 16.16
C5D NAD E . 14.89 9.41 16.98
C4D NAD E . 13.87 8.48 16.35
O4D NAD E . 13.34 9.09 15.14
C3D NAD E . 14.41 7.11 15.91
O3D NAD E . 13.41 6.11 16.04
C2D NAD E . 14.77 7.37 14.47
O2D NAD E . 14.86 6.15 13.75
C1D NAD E . 13.59 8.24 14.07
N1N NAD E . 13.66 9.03 12.77
C2N NAD E . 14.75 9.79 12.49
C3N NAD E . 14.91 10.37 11.24
C7N NAD E . 16.07 11.30 10.94
O7N NAD E . 16.31 11.62 9.74
N7N NAD E . 16.88 11.68 11.95
C4N NAD E . 13.92 10.17 10.29
C5N NAD E . 12.78 9.45 10.62
C6N NAD E . 12.66 8.89 11.88
O1 KXU F . 25.06 6.65 15.18
C9 KXU F . 24.35 5.65 15.03
N3 KXU F . 24.81 4.37 14.74
C10 KXU F . 26.22 4.08 14.49
C11 KXU F . 26.51 4.44 13.05
C15 KXU F . 27.67 5.16 12.70
C14 KXU F . 27.86 5.47 11.32
C16 KXU F . 29.07 6.21 10.90
N4 KXU F . 26.98 5.09 10.32
C13 KXU F . 25.86 4.42 10.71
C12 KXU F . 25.59 4.07 12.04
C8 KXU F . 22.88 5.70 15.14
C7 KXU F . 22.13 6.86 15.51
N2 KXU F . 22.04 4.68 14.82
O KXU F . 20.80 5.14 15.02
C6 KXU F . 20.83 6.46 15.43
C5 KXU F . 19.59 7.16 15.75
S KXU F . 18.13 6.47 14.90
C4 KXU F . 18.20 7.07 13.28
N KXU F . 17.14 6.68 12.53
C3 KXU F . 17.11 7.14 11.23
C17 KXU F . 15.90 6.72 10.44
C2 KXU F . 18.14 7.94 10.69
N1 KXU F . 19.26 7.86 12.87
C1 KXU F . 19.21 8.27 11.56
C KXU F . 20.36 9.09 11.06
PA NAD G . -2.10 2.09 -27.56
O1A NAD G . -2.40 3.43 -28.08
O2A NAD G . -1.20 1.31 -28.52
O5B NAD G . -3.34 1.14 -27.19
C5B NAD G . -4.51 1.70 -26.57
C4B NAD G . -5.69 1.03 -27.27
O4B NAD G . -6.93 1.49 -26.69
C3B NAD G . -5.79 1.27 -28.77
O3B NAD G . -5.84 0.05 -29.51
C2B NAD G . -7.06 2.09 -28.93
O2B NAD G . -7.77 1.86 -30.15
C1B NAD G . -7.84 1.51 -27.76
N9A NAD G . -9.07 2.21 -27.41
C8A NAD G . -9.25 3.56 -27.21
N7A NAD G . -10.51 3.92 -27.16
C5A NAD G . -11.21 2.73 -27.31
C6A NAD G . -12.58 2.43 -27.35
N6A NAD G . -13.55 3.36 -27.23
N1A NAD G . -12.95 1.13 -27.52
C2A NAD G . -12.01 0.19 -27.64
N3A NAD G . -10.67 0.36 -27.63
C4A NAD G . -10.34 1.66 -27.45
O3 NAD G . -1.30 2.24 -26.18
PN NAD G . -0.64 1.14 -25.22
O1N NAD G . -0.38 -0.10 -25.99
O2N NAD G . 0.47 1.77 -24.50
O5D NAD G . -1.84 0.94 -24.17
C5D NAD G . -2.45 -0.35 -23.91
C4D NAD G . -2.76 -0.41 -22.43
O4D NAD G . -1.51 -0.39 -21.69
C3D NAD G . -3.58 0.76 -21.86
O3D NAD G . -4.51 0.36 -20.85
C2D NAD G . -2.50 1.65 -21.27
O2D NAD G . -3.01 2.58 -20.32
C1D NAD G . -1.60 0.58 -20.69
N1N NAD G . -0.22 0.97 -20.23
C2N NAD G . 0.56 1.72 -21.05
C3N NAD G . 1.76 2.24 -20.60
C7N NAD G . 2.69 2.95 -21.55
O7N NAD G . 3.62 3.63 -21.09
N7N NAD G . 2.42 2.88 -22.87
C4N NAD G . 2.16 1.98 -19.29
C5N NAD G . 1.40 1.14 -18.50
C6N NAD G . 0.21 0.63 -19.00
O1 KXU H . -4.65 9.60 -27.89
C9 KXU H . -4.70 9.68 -26.65
N3 KXU H . -5.01 10.82 -25.92
C10 KXU H . -5.34 12.12 -26.53
C11 KXU H . -4.16 12.85 -27.14
C15 KXU H . -4.38 13.77 -28.20
C14 KXU H . -3.24 14.43 -28.74
C16 KXU H . -3.42 15.40 -29.86
N4 KXU H . -1.96 14.22 -28.29
C13 KXU H . -1.78 13.32 -27.28
C12 KXU H . -2.85 12.62 -26.66
C8 KXU H . -4.37 8.49 -25.79
C7 KXU H . -3.75 7.29 -26.26
N2 KXU H . -4.62 8.37 -24.46
O KXU H . -4.21 7.13 -24.07
C6 KXU H . -3.65 6.48 -25.15
C5 KXU H . -3.11 5.13 -25.00
S KXU H . -3.21 4.51 -23.27
C4 KXU H . -1.86 5.24 -22.42
N KXU H . -1.68 4.84 -21.10
C3 KXU H . -0.65 5.43 -20.41
C17 KXU H . -0.44 4.98 -18.99
C2 KXU H . 0.20 6.40 -21.01
N1 KXU H . -1.09 6.14 -23.09
C1 KXU H . -0.10 6.73 -22.36
C KXU H . 0.66 7.76 -23.13
PA NAD I . 7.89 -26.33 7.23
O1A NAD I . 7.52 -27.56 6.51
O2A NAD I . 7.87 -26.48 8.75
O5B NAD I . 9.20 -25.61 6.64
C5B NAD I . 10.00 -24.68 7.40
C4B NAD I . 11.41 -25.13 7.12
O4B NAD I . 12.36 -24.22 7.73
C3B NAD I . 11.77 -26.55 7.60
O3B NAD I . 12.25 -27.33 6.51
C2B NAD I . 12.84 -26.30 8.65
O2B NAD I . 13.80 -27.34 8.80
C1B NAD I . 13.46 -25.03 8.08
N9A NAD I . 14.36 -24.33 8.98
C8A NAD I . 14.14 -24.00 10.30
N7A NAD I . 15.20 -23.57 10.92
C5A NAD I . 16.19 -23.61 9.95
C6A NAD I . 17.57 -23.29 9.98
N6A NAD I . 18.22 -22.87 11.07
N1A NAD I . 18.28 -23.43 8.83
C2A NAD I . 17.65 -23.85 7.73
N3A NAD I . 16.36 -24.19 7.58
C4A NAD I . 15.68 -24.04 8.74
O3 NAD I . 6.76 -25.23 6.96
PN NAD I . 6.19 -24.53 5.63
O1N NAD I . 4.80 -24.17 5.95
O2N NAD I . 6.49 -25.37 4.46
O5D NAD I . 7.11 -23.23 5.54
C5D NAD I . 7.95 -22.87 4.43
C4D NAD I . 7.93 -21.37 4.23
O4D NAD I . 6.62 -20.97 3.79
C3D NAD I . 8.24 -20.52 5.47
O3D NAD I . 8.99 -19.34 5.12
C2D NAD I . 6.84 -20.17 5.97
O2D NAD I . 6.83 -19.05 6.83
C1D NAD I . 6.15 -19.96 4.63
N1N NAD I . 4.63 -19.88 4.59
C2N NAD I . 3.90 -20.86 5.19
C3N NAD I . 2.52 -20.75 5.29
C7N NAD I . 1.70 -21.85 5.90
O7N NAD I . 0.52 -21.62 6.24
N7N NAD I . 2.29 -23.02 6.18
C4N NAD I . 1.91 -19.62 4.74
C5N NAD I . 2.67 -18.67 4.08
C6N NAD I . 4.03 -18.84 4.01
O1 KXU J . 8.18 -24.36 15.56
C9 KXU J . 7.42 -23.51 15.13
N3 KXU J . 6.48 -22.73 15.85
C10 KXU J . 6.18 -22.75 17.30
C11 KXU J . 6.33 -24.04 18.06
C15 KXU J . 7.61 -24.56 18.40
C14 KXU J . 7.65 -25.79 19.13
C16 KXU J . 8.97 -26.42 19.48
N4 KXU J . 6.52 -26.44 19.54
C13 KXU J . 5.30 -25.89 19.22
C12 KXU J . 5.16 -24.70 18.50
C8 KXU J . 7.46 -23.16 13.70
C7 KXU J . 7.18 -24.02 12.55
N2 KXU J . 7.89 -21.98 13.28
O KXU J . 7.88 -21.98 11.96
C6 KXU J . 7.40 -23.19 11.47
C5 KXU J . 7.33 -23.35 9.99
S KXU J . 7.25 -21.67 9.25
C4 KXU J . 5.54 -21.27 9.27
N KXU J . 5.26 -20.04 8.73
C3 KXU J . 3.94 -19.67 8.68
C17 KXU J . 3.66 -18.31 8.11
C2 KXU J . 2.90 -20.50 9.14
N1 KXU J . 4.61 -22.17 9.72
C1 KXU J . 3.28 -21.76 9.63
C KXU J . 2.26 -22.73 10.14
PA NAD K . -24.82 12.77 3.55
O1A NAD K . -25.89 12.20 2.70
O2A NAD K . -25.33 13.40 4.84
O5B NAD K . -23.77 13.84 2.86
C5B NAD K . -23.55 13.78 1.43
C4B NAD K . -23.75 15.18 0.91
O4B NAD K . -23.44 15.26 -0.49
C3B NAD K . -25.15 15.78 1.08
O3B NAD K . -25.09 16.99 1.82
C2B NAD K . -25.60 16.06 -0.36
O2B NAD K . -26.37 17.26 -0.50
C1B NAD K . -24.24 16.29 -0.99
N9A NAD K . -24.23 16.31 -2.45
C8A NAD K . -24.71 15.36 -3.31
N7A NAD K . -24.76 15.74 -4.56
C5A NAD K . -24.25 17.04 -4.52
C6A NAD K . -24.01 17.99 -5.53
N6A NAD K . -24.30 17.78 -6.84
N1A NAD K . -23.46 19.18 -5.17
C2A NAD K . -23.17 19.39 -3.88
N3A NAD K . -23.36 18.56 -2.84
C4A NAD K . -23.91 17.40 -3.23
O3 NAD K . -23.88 11.54 3.97
PN NAD K . -22.52 11.44 4.80
O1N NAD K . -22.43 12.57 5.75
O2N NAD K . -22.41 10.06 5.29
O5D NAD K . -21.46 11.64 3.62
C5D NAD K . -20.48 12.71 3.69
C4D NAD K . -19.17 12.23 3.11
O4D NAD K . -18.58 11.26 4.01
C3D NAD K . -19.23 11.54 1.73
O3D NAD K . -18.08 11.91 0.98
C2D NAD K . -19.20 10.07 2.10
O2D NAD K . -18.79 9.21 1.04
C1D NAD K . -18.22 10.13 3.27
N1N NAD K . -18.17 8.91 4.19
C2N NAD K . -19.35 8.42 4.65
C3N NAD K . -19.39 7.22 5.34
C7N NAD K . -20.67 6.68 5.95
O7N NAD K . -21.71 7.44 6.06
N7N NAD K . -20.63 5.50 6.47
C4N NAD K . -18.19 6.55 5.56
C5N NAD K . -17.00 7.11 5.15
C6N NAD K . -17.01 8.30 4.47
O1 KXU L . -28.82 8.02 -1.00
C9 KXU L . -27.86 7.91 -1.76
N3 KXU L . -27.88 7.33 -3.04
C10 KXU L . -29.08 6.70 -3.61
C11 KXU L . -29.21 5.31 -3.04
C15 KXU L . -30.30 4.94 -2.25
C14 KXU L . -30.33 3.62 -1.72
C16 KXU L . -31.46 3.18 -0.86
N4 KXU L . -29.32 2.71 -1.93
C13 KXU L . -28.25 3.12 -2.68
C12 KXU L . -28.15 4.40 -3.23
C8 KXU L . -26.52 8.42 -1.38
C7 KXU L . -26.22 9.11 -0.14
N2 KXU L . -25.38 8.27 -2.11
O KXU L . -24.40 8.87 -1.41
C6 KXU L . -24.88 9.37 -0.22
C5 KXU L . -23.99 10.08 0.69
S KXU L . -22.24 9.56 0.41
C4 KXU L . -22.08 8.01 1.25
N KXU L . -20.83 7.47 1.17
C3 KXU L . -20.63 6.25 1.80
C17 KXU L . -19.23 5.70 1.72
C2 KXU L . -21.69 5.55 2.42
N1 KXU L . -23.18 7.42 1.82
C1 KXU L . -22.95 6.18 2.41
C KXU L . -24.17 5.53 3.01
#